data_3BZ9
#
_entry.id   3BZ9
#
_cell.length_a   88.682
_cell.length_b   146.317
_cell.length_c   154.061
_cell.angle_alpha   90.000
_cell.angle_beta   90.000
_cell.angle_gamma   90.000
#
_symmetry.space_group_name_H-M   'C 2 2 21'
#
loop_
_entity.id
_entity.type
_entity.pdbx_description
1 polymer 'Myosin-2 heavy chain, non muscle'
2 non-polymer 'MAGNESIUM ION'
3 non-polymer 'VANADATE ION'
4 non-polymer "ADENOSINE-5'-DIPHOSPHATE"
5 non-polymer (3aS)-3a-hydroxy-1-phenyl-1,2,3,3a-tetrahydro-4H-pyrrolo[2,3-b]quinolin-4-one
6 non-polymer 1,2-ETHANEDIOL
7 water water
#
_entity_poly.entity_id   1
_entity_poly.type   'polypeptide(L)'
_entity_poly.pdbx_seq_one_letter_code
;GNPIHDRTSDYHKYLKVKQGDSDLFKLTVSDKRYIWYNPDPKERDSYECGEIVSETSDSFTFKTVDGQDRQVKKDDANQR
NPIKFDGVEDMSELSYLNEPAVFHNLRVRYNQDLIYTYSGLFLVAVNPFKRIPIYTQEMVDIFKGRRRNEVAPHIFAISD
VAYRSMLDDRQNQSLLITGESGAGKTENTKKVIQYLASVAGRNQANGSGVLEQQILQANPILEAFGNAKTTRNNNSSRFG
KFIEIQFNSAGFISGASIQSYLLEKSRVVFQSETERNYHIFYQLLAGATAEEKKALHLAGPESFNYLNQSGCVDIKGVSD
SEEFKITRQAMDIVGFSQEEQMSIFKIIAGILHLGNIKFEKGAGEGAVLKDKTALNAASTVFGVNPSVLEKALMEPRILA
GRDLVAQHLNVEKSSSSRDALVKALYGRLFLWLVKKINNVLCQERKAYFIGVLDISGFEIFKVNSFEQLCINYTNEKLQQ
FFNHHMFKLEQEEYLKEKINWTFIDFGLDSQATIDLIDGRQPPGILALLDEQSVFPNATDNTLITKLHSHFSKKNAKYEE
PRFSKTEFGVTHYAGQVMYEIQDWLEKNKDPLQQDLELCFKDSSDNVVTKLFNDPNIASRAKKGANFITVAAQYKEQLAS
LMATLETTNPHFVRCIIPNNKQLPAKLEDKVVLDQLRCNGVLEGIRITRKGFPNRIIYADFVKRYYLLAPNVPRDAEDSQ
KATDAVLKHLNIDPEQYRFGITKIFFRAGQLARIEEARELPN
;
_entity_poly.pdbx_strand_id   A
#
# COMPACT_ATOMS: atom_id res chain seq x y z
N ASN A 2 -19.40 31.67 10.11
CA ASN A 2 -19.35 30.49 9.18
C ASN A 2 -18.34 30.70 8.05
N PRO A 3 -17.13 30.08 8.15
CA PRO A 3 -16.10 30.13 7.08
C PRO A 3 -16.58 29.51 5.77
N ILE A 4 -17.48 28.53 5.90
CA ILE A 4 -18.23 27.89 4.80
C ILE A 4 -18.92 28.88 3.83
N HIS A 5 -19.58 29.89 4.40
CA HIS A 5 -20.30 30.88 3.60
C HIS A 5 -19.48 32.14 3.28
N ASP A 6 -18.40 32.35 4.04
CA ASP A 6 -17.46 33.45 3.84
C ASP A 6 -16.43 33.15 2.71
N ARG A 7 -16.57 33.83 1.58
CA ARG A 7 -15.68 33.66 0.42
C ARG A 7 -14.20 33.95 0.66
N THR A 8 -13.89 34.73 1.70
CA THR A 8 -12.49 35.06 2.06
C THR A 8 -11.78 34.07 3.03
N SER A 9 -12.54 33.13 3.60
CA SER A 9 -11.98 32.12 4.52
C SER A 9 -10.88 31.23 3.87
N ASP A 10 -10.00 30.63 4.69
CA ASP A 10 -9.06 29.61 4.20
C ASP A 10 -9.84 28.42 3.58
N TYR A 11 -10.95 28.03 4.21
CA TYR A 11 -11.83 27.02 3.65
C TYR A 11 -12.20 27.25 2.16
N HIS A 12 -12.64 28.45 1.83
CA HIS A 12 -12.96 28.81 0.42
C HIS A 12 -11.70 28.84 -0.44
N LYS A 13 -10.70 29.49 0.11
CA LYS A 13 -9.47 29.69 -0.60
C LYS A 13 -8.89 28.34 -1.04
N TYR A 14 -8.89 27.36 -0.13
CA TYR A 14 -8.19 26.08 -0.36
C TYR A 14 -9.05 24.88 -0.73
N LEU A 15 -10.36 24.96 -0.52
CA LEU A 15 -11.23 23.79 -0.74
C LEU A 15 -12.37 24.06 -1.72
N LYS A 16 -12.49 25.32 -2.19
CA LYS A 16 -13.61 25.68 -3.07
C LYS A 16 -13.12 26.20 -4.38
N VAL A 17 -13.90 25.92 -5.41
CA VAL A 17 -13.58 26.43 -6.72
C VAL A 17 -13.65 27.97 -6.66
N LYS A 18 -12.62 28.60 -7.16
CA LYS A 18 -12.57 30.07 -7.25
C LYS A 18 -13.67 30.68 -8.15
N GLN A 19 -14.28 31.77 -7.68
CA GLN A 19 -15.23 32.58 -8.46
C GLN A 19 -14.79 32.82 -9.89
N GLY A 20 -15.62 32.43 -10.86
CA GLY A 20 -15.29 32.74 -12.26
C GLY A 20 -15.54 34.22 -12.54
N ASP A 21 -14.94 34.74 -13.60
CA ASP A 21 -15.09 36.15 -13.91
C ASP A 21 -16.05 36.37 -15.08
N SER A 22 -16.22 37.63 -15.47
CA SER A 22 -17.18 38.01 -16.52
C SER A 22 -16.87 37.41 -17.88
N ASP A 23 -15.60 37.21 -18.19
CA ASP A 23 -15.21 36.52 -19.44
C ASP A 23 -15.68 35.05 -19.41
N LEU A 24 -15.39 34.38 -18.29
CA LEU A 24 -15.90 33.03 -18.06
C LEU A 24 -17.43 32.96 -18.09
N PHE A 25 -18.11 33.94 -17.47
CA PHE A 25 -19.60 33.99 -17.54
C PHE A 25 -20.12 33.94 -18.95
N LYS A 26 -19.54 34.79 -19.81
CA LYS A 26 -19.84 34.79 -21.24
C LYS A 26 -19.66 33.42 -21.88
N LEU A 27 -18.54 32.75 -21.56
CA LEU A 27 -18.30 31.38 -22.07
C LEU A 27 -19.33 30.39 -21.53
N THR A 28 -19.77 30.62 -20.30
CA THR A 28 -20.67 29.66 -19.62
C THR A 28 -22.09 29.66 -20.22
N VAL A 29 -22.54 30.83 -20.74
CA VAL A 29 -23.91 31.02 -21.28
C VAL A 29 -24.02 30.79 -22.81
N SER A 30 -22.87 30.63 -23.46
CA SER A 30 -22.77 30.26 -24.87
C SER A 30 -23.64 29.04 -25.25
N ASP A 31 -24.31 29.14 -26.41
CA ASP A 31 -25.12 28.10 -27.02
CA ASP A 31 -25.18 28.09 -26.95
C ASP A 31 -24.24 27.09 -27.76
N LYS A 32 -22.95 27.30 -27.86
CA LYS A 32 -22.05 26.35 -28.57
C LYS A 32 -21.88 25.04 -27.78
N ARG A 33 -21.60 23.95 -28.50
CA ARG A 33 -21.47 22.62 -27.95
C ARG A 33 -20.16 22.03 -28.42
N TYR A 34 -19.57 21.19 -27.56
CA TYR A 34 -18.19 20.70 -27.72
C TYR A 34 -18.11 19.23 -27.49
N ILE A 35 -17.04 18.64 -28.05
CA ILE A 35 -16.78 17.21 -28.09
C ILE A 35 -15.29 17.06 -27.70
N TRP A 36 -15.00 16.00 -26.96
CA TRP A 36 -13.63 15.59 -26.67
C TRP A 36 -13.24 14.59 -27.72
N TYR A 37 -12.19 14.88 -28.50
CA TYR A 37 -11.74 13.99 -29.56
C TYR A 37 -10.22 13.76 -29.41
N ASN A 38 -9.76 12.65 -29.98
CA ASN A 38 -8.33 12.35 -30.14
C ASN A 38 -7.73 12.91 -31.44
N PRO A 39 -6.88 13.95 -31.34
CA PRO A 39 -6.12 14.45 -32.51
C PRO A 39 -5.35 13.31 -33.18
N ASP A 40 -4.82 12.38 -32.37
CA ASP A 40 -4.11 11.20 -32.85
C ASP A 40 -4.81 9.92 -32.39
N PRO A 41 -5.39 9.14 -33.32
CA PRO A 41 -6.18 7.96 -32.94
C PRO A 41 -5.33 6.82 -32.36
N LYS A 42 -4.01 6.86 -32.60
CA LYS A 42 -3.09 5.88 -32.01
C LYS A 42 -3.00 6.12 -30.50
N GLU A 43 -3.22 7.39 -30.11
CA GLU A 43 -3.09 7.89 -28.75
C GLU A 43 -4.45 8.22 -28.15
N ARG A 44 -5.11 7.21 -27.59
CA ARG A 44 -6.52 7.35 -27.15
C ARG A 44 -6.79 8.24 -25.93
N ASP A 45 -5.75 8.59 -25.17
CA ASP A 45 -5.91 9.31 -23.91
C ASP A 45 -5.48 10.75 -24.02
N SER A 46 -5.07 11.12 -25.22
CA SER A 46 -4.71 12.50 -25.48
C SER A 46 -5.85 13.17 -26.27
N TYR A 47 -6.53 14.10 -25.59
CA TYR A 47 -7.79 14.63 -26.08
C TYR A 47 -7.63 16.11 -26.28
N GLU A 48 -8.32 16.66 -27.28
CA GLU A 48 -8.52 18.11 -27.33
C GLU A 48 -10.00 18.38 -27.38
N CYS A 49 -10.34 19.65 -27.27
CA CYS A 49 -11.71 20.08 -27.36
C CYS A 49 -12.06 20.63 -28.76
N GLY A 50 -13.15 20.15 -29.33
CA GLY A 50 -13.61 20.62 -30.66
C GLY A 50 -15.05 21.10 -30.70
N GLU A 51 -15.31 22.24 -31.33
CA GLU A 51 -16.68 22.74 -31.47
C GLU A 51 -17.54 21.87 -32.41
N ILE A 52 -18.71 21.45 -31.93
CA ILE A 52 -19.66 20.76 -32.79
C ILE A 52 -20.31 21.77 -33.74
N VAL A 53 -20.07 21.62 -35.04
CA VAL A 53 -20.56 22.59 -36.06
C VAL A 53 -21.85 22.17 -36.77
N SER A 54 -22.12 20.86 -36.82
CA SER A 54 -23.36 20.38 -37.38
C SER A 54 -23.63 18.97 -36.92
N GLU A 55 -24.83 18.49 -37.18
CA GLU A 55 -25.15 17.12 -36.85
C GLU A 55 -26.15 16.55 -37.86
N THR A 56 -26.21 15.23 -37.98
CA THR A 56 -27.34 14.57 -38.62
C THR A 56 -28.17 13.78 -37.62
N SER A 57 -28.88 12.77 -38.10
CA SER A 57 -29.61 11.85 -37.24
C SER A 57 -28.66 11.04 -36.37
N ASP A 58 -27.47 10.77 -36.90
CA ASP A 58 -26.57 9.79 -36.29
C ASP A 58 -25.08 10.22 -36.09
N SER A 59 -24.76 11.47 -36.38
CA SER A 59 -23.39 11.92 -36.39
C SER A 59 -23.25 13.39 -36.00
N PHE A 60 -22.04 13.78 -35.57
CA PHE A 60 -21.66 15.17 -35.32
C PHE A 60 -20.51 15.48 -36.24
N THR A 61 -20.43 16.71 -36.69
CA THR A 61 -19.24 17.23 -37.30
C THR A 61 -18.71 18.30 -36.39
N PHE A 62 -17.40 18.25 -36.14
CA PHE A 62 -16.73 19.19 -35.24
C PHE A 62 -15.44 19.74 -35.86
N LYS A 63 -15.09 20.96 -35.46
CA LYS A 63 -13.77 21.52 -35.74
C LYS A 63 -12.69 20.81 -34.95
N THR A 64 -11.49 20.71 -35.47
CA THR A 64 -10.34 20.21 -34.72
C THR A 64 -9.47 21.40 -34.40
N VAL A 65 -8.52 21.26 -33.46
CA VAL A 65 -7.75 22.42 -32.96
C VAL A 65 -6.88 23.06 -34.03
N ASP A 66 -6.38 22.26 -34.96
CA ASP A 66 -5.48 22.72 -36.01
C ASP A 66 -6.20 23.54 -37.10
N GLN A 68 -8.82 21.36 -39.39
CA GLN A 68 -9.75 20.61 -40.24
C GLN A 68 -11.14 20.39 -39.54
N ASP A 69 -12.08 19.78 -40.24
CA ASP A 69 -13.33 19.31 -39.63
C ASP A 69 -13.37 17.79 -39.71
N ARG A 70 -13.91 17.15 -38.67
CA ARG A 70 -14.13 15.70 -38.68
C ARG A 70 -15.54 15.37 -38.26
N GLN A 71 -15.92 14.12 -38.50
CA GLN A 71 -17.22 13.61 -38.18
C GLN A 71 -17.02 12.39 -37.31
N VAL A 72 -18.01 12.10 -36.46
CA VAL A 72 -18.01 10.96 -35.56
C VAL A 72 -19.46 10.55 -35.38
N LYS A 73 -19.71 9.25 -35.28
CA LYS A 73 -21.04 8.75 -34.93
C LYS A 73 -21.42 9.23 -33.50
N LYS A 74 -22.66 9.66 -33.32
CA LYS A 74 -23.11 10.09 -32.00
C LYS A 74 -22.92 8.98 -30.96
N ASP A 75 -22.97 7.73 -31.40
CA ASP A 75 -22.82 6.59 -30.50
C ASP A 75 -21.36 6.45 -30.02
N ASP A 76 -20.42 7.02 -30.77
CA ASP A 76 -19.00 6.98 -30.40
C ASP A 76 -18.47 8.28 -29.80
N ALA A 77 -19.35 9.25 -29.59
CA ALA A 77 -18.96 10.61 -29.28
C ALA A 77 -18.77 10.79 -27.77
N ASN A 78 -17.63 11.35 -27.39
CA ASN A 78 -17.42 11.82 -26.01
C ASN A 78 -17.71 13.33 -25.94
N GLN A 79 -18.96 13.67 -25.62
CA GLN A 79 -19.43 15.04 -25.57
C GLN A 79 -18.80 15.71 -24.37
N ARG A 80 -18.45 16.96 -24.55
CA ARG A 80 -17.94 17.76 -23.45
C ARG A 80 -19.12 18.25 -22.63
N ASN A 81 -19.01 18.17 -21.32
CA ASN A 81 -20.04 18.80 -20.47
C ASN A 81 -20.14 20.31 -20.63
N PRO A 82 -21.37 20.84 -20.48
CA PRO A 82 -21.45 22.29 -20.33
C PRO A 82 -20.42 22.75 -19.29
N ILE A 83 -19.70 23.83 -19.56
CA ILE A 83 -18.57 24.16 -18.71
C ILE A 83 -18.99 24.61 -17.29
N LYS A 84 -20.28 24.82 -17.09
CA LYS A 84 -20.78 25.12 -15.75
C LYS A 84 -20.49 23.89 -14.85
N PHE A 85 -20.34 22.72 -15.47
CA PHE A 85 -19.94 21.51 -14.72
C PHE A 85 -18.45 21.42 -14.34
N ASP A 86 -17.64 22.31 -14.91
CA ASP A 86 -16.21 22.26 -14.70
C ASP A 86 -15.86 22.64 -13.25
N GLY A 87 -15.27 21.68 -12.53
CA GLY A 87 -14.98 21.90 -11.10
C GLY A 87 -16.01 21.29 -10.19
N VAL A 88 -17.05 20.65 -10.74
CA VAL A 88 -18.10 20.10 -9.87
C VAL A 88 -17.53 19.14 -8.80
N GLU A 89 -18.14 19.20 -7.62
CA GLU A 89 -17.66 18.49 -6.43
C GLU A 89 -17.98 16.99 -6.42
N ASP A 90 -19.08 16.61 -7.08
CA ASP A 90 -19.50 15.22 -7.20
C ASP A 90 -19.77 14.98 -8.68
N MET A 91 -18.96 14.10 -9.27
CA MET A 91 -19.11 13.86 -10.70
C MET A 91 -20.31 13.03 -11.09
N SER A 92 -21.05 12.47 -10.13
CA SER A 92 -22.33 11.79 -10.52
C SER A 92 -23.36 12.81 -11.11
N GLU A 93 -23.12 14.09 -10.87
CA GLU A 93 -23.93 15.16 -11.44
C GLU A 93 -23.59 15.52 -12.90
N LEU A 94 -22.50 15.03 -13.46
CA LEU A 94 -22.15 15.38 -14.86
C LEU A 94 -23.26 14.94 -15.82
N SER A 95 -23.55 15.70 -16.88
CA SER A 95 -24.54 15.26 -17.86
C SER A 95 -23.93 14.15 -18.70
N TYR A 96 -22.72 14.38 -19.17
CA TYR A 96 -22.05 13.37 -19.94
C TYR A 96 -21.01 12.67 -19.05
N LEU A 97 -21.20 11.37 -18.87
CA LEU A 97 -20.25 10.55 -18.12
C LEU A 97 -19.37 9.79 -19.10
N ASN A 98 -18.16 10.30 -19.33
CA ASN A 98 -17.22 9.65 -20.25
C ASN A 98 -15.79 9.92 -19.79
N GLU A 99 -14.82 9.19 -20.36
CA GLU A 99 -13.43 9.25 -19.87
C GLU A 99 -12.83 10.63 -19.91
N PRO A 100 -12.81 11.29 -21.09
CA PRO A 100 -12.22 12.62 -21.09
C PRO A 100 -12.97 13.65 -20.22
N ALA A 101 -14.30 13.55 -20.10
CA ALA A 101 -15.05 14.48 -19.25
C ALA A 101 -14.72 14.27 -17.74
N VAL A 102 -14.60 13.00 -17.31
CA VAL A 102 -14.26 12.72 -15.88
C VAL A 102 -12.85 13.25 -15.65
N PHE A 103 -11.93 12.86 -16.53
CA PHE A 103 -10.58 13.38 -16.40
C PHE A 103 -10.56 14.89 -16.43
N HIS A 104 -11.31 15.51 -17.33
CA HIS A 104 -11.31 16.95 -17.38
C HIS A 104 -11.76 17.58 -16.06
N ASN A 105 -12.79 17.01 -15.43
CA ASN A 105 -13.26 17.60 -14.19
C ASN A 105 -12.22 17.51 -13.09
N LEU A 106 -11.53 16.36 -13.02
CA LEU A 106 -10.42 16.19 -12.07
C LEU A 106 -9.29 17.16 -12.38
N ARG A 107 -9.05 17.41 -13.67
CA ARG A 107 -8.02 18.36 -14.13
CA ARG A 107 -8.02 18.35 -14.09
C ARG A 107 -8.32 19.77 -13.65
N VAL A 108 -9.56 20.22 -13.84
CA VAL A 108 -9.95 21.56 -13.43
C VAL A 108 -9.74 21.74 -11.92
N ARG A 109 -10.17 20.74 -11.15
CA ARG A 109 -10.00 20.87 -9.73
C ARG A 109 -8.50 20.85 -9.31
N TYR A 110 -7.73 19.92 -9.90
CA TYR A 110 -6.31 19.74 -9.53
C TYR A 110 -5.52 21.01 -9.82
N ASN A 111 -5.84 21.64 -10.95
CA ASN A 111 -5.19 22.85 -11.44
C ASN A 111 -5.32 23.94 -10.42
N GLN A 112 -6.33 23.85 -9.55
CA GLN A 112 -6.55 24.81 -8.43
C GLN A 112 -6.26 24.22 -7.07
N ASP A 113 -5.46 23.15 -7.04
CA ASP A 113 -5.07 22.45 -5.81
C ASP A 113 -6.24 21.86 -5.04
N LEU A 114 -7.30 21.52 -5.78
CA LEU A 114 -8.46 20.78 -5.25
C LEU A 114 -8.31 19.28 -5.60
N ILE A 115 -7.70 18.58 -4.65
CA ILE A 115 -7.26 17.19 -4.84
C ILE A 115 -8.36 16.20 -4.53
N TYR A 116 -9.42 16.65 -3.81
CA TYR A 116 -10.53 15.78 -3.45
C TYR A 116 -11.76 16.05 -4.32
N THR A 117 -12.35 14.97 -4.84
CA THR A 117 -13.56 15.02 -5.66
C THR A 117 -14.37 13.77 -5.42
N TYR A 118 -15.70 13.90 -5.28
CA TYR A 118 -16.56 12.76 -5.11
C TYR A 118 -16.84 12.18 -6.44
N SER A 119 -16.90 10.87 -6.48
CA SER A 119 -17.20 10.23 -7.74
C SER A 119 -18.41 9.36 -7.39
N GLY A 120 -19.51 10.03 -7.11
CA GLY A 120 -20.68 9.37 -6.52
C GLY A 120 -20.43 9.08 -5.06
N LEU A 121 -20.58 7.82 -4.70
CA LEU A 121 -20.49 7.36 -3.32
C LEU A 121 -19.08 7.30 -2.74
N PHE A 122 -18.04 7.37 -3.57
CA PHE A 122 -16.68 7.29 -3.02
C PHE A 122 -15.88 8.53 -3.42
N LEU A 123 -14.84 8.77 -2.67
CA LEU A 123 -13.94 9.89 -2.81
C LEU A 123 -12.73 9.51 -3.69
N VAL A 124 -12.38 10.43 -4.59
CA VAL A 124 -11.14 10.39 -5.37
C VAL A 124 -10.17 11.43 -4.80
N ALA A 125 -8.92 11.03 -4.60
CA ALA A 125 -7.85 11.88 -4.07
C ALA A 125 -6.64 11.84 -5.01
N VAL A 126 -6.34 12.94 -5.70
CA VAL A 126 -5.21 13.00 -6.64
C VAL A 126 -4.01 13.63 -5.90
N ASN A 127 -2.93 12.90 -5.79
CA ASN A 127 -1.74 13.35 -5.06
C ASN A 127 -1.24 14.70 -5.58
N PRO A 128 -1.14 15.71 -4.71
CA PRO A 128 -0.56 16.97 -5.17
C PRO A 128 0.96 16.98 -5.31
N PHE A 129 1.65 16.08 -4.59
CA PHE A 129 3.09 16.14 -4.47
C PHE A 129 3.54 17.53 -4.00
N LYS A 130 2.74 18.14 -3.15
CA LYS A 130 3.17 19.37 -2.43
C LYS A 130 2.24 19.59 -1.31
N ARG A 131 2.61 20.50 -0.41
CA ARG A 131 1.81 20.67 0.77
C ARG A 131 0.69 21.62 0.43
N ILE A 132 -0.48 21.33 0.95
CA ILE A 132 -1.65 22.14 0.74
C ILE A 132 -2.28 22.29 2.13
N PRO A 133 -2.60 23.55 2.54
CA PRO A 133 -2.96 23.80 3.93
C PRO A 133 -4.43 23.54 4.25
N ILE A 134 -4.88 22.29 4.06
CA ILE A 134 -6.26 21.87 4.30
C ILE A 134 -6.46 20.88 5.44
N TYR A 135 -5.41 20.68 6.22
CA TYR A 135 -5.44 19.68 7.26
C TYR A 135 -5.15 20.29 8.64
N THR A 136 -5.40 21.59 8.80
CA THR A 136 -5.12 22.27 10.07
C THR A 136 -6.22 21.93 11.08
N GLN A 137 -6.01 22.18 12.37
CA GLN A 137 -7.09 21.99 13.34
C GLN A 137 -8.32 22.80 12.97
N GLU A 138 -8.10 23.96 12.35
CA GLU A 138 -9.20 24.81 11.96
C GLU A 138 -10.05 24.11 10.88
N MET A 139 -9.38 23.43 9.94
CA MET A 139 -10.09 22.61 8.93
C MET A 139 -10.86 21.47 9.57
N VAL A 140 -10.24 20.77 10.51
CA VAL A 140 -10.89 19.69 11.26
C VAL A 140 -12.16 20.18 11.92
N ASP A 141 -12.09 21.34 12.59
CA ASP A 141 -13.24 21.90 13.33
C ASP A 141 -14.42 22.20 12.42
N ILE A 142 -14.12 22.73 11.25
CA ILE A 142 -15.11 22.91 10.17
C ILE A 142 -15.87 21.62 9.75
N PHE A 143 -15.16 20.49 9.65
CA PHE A 143 -15.80 19.31 9.12
C PHE A 143 -16.61 18.57 10.17
N LYS A 144 -16.28 18.82 11.43
CA LYS A 144 -16.86 18.15 12.58
C LYS A 144 -18.37 18.10 12.45
N GLY A 145 -18.89 16.87 12.37
CA GLY A 145 -20.33 16.61 12.33
C GLY A 145 -21.10 17.07 11.10
N ARG A 146 -20.41 17.52 10.06
CA ARG A 146 -21.10 18.01 8.86
C ARG A 146 -21.39 16.86 7.90
N ARG A 147 -22.62 16.82 7.37
CA ARG A 147 -22.99 15.85 6.36
C ARG A 147 -22.18 16.08 5.08
N ARG A 148 -22.02 15.04 4.26
CA ARG A 148 -21.14 15.06 3.09
C ARG A 148 -21.48 16.15 2.04
N ASN A 149 -22.79 16.33 1.79
CA ASN A 149 -23.32 17.39 0.92
C ASN A 149 -23.32 18.83 1.50
N GLU A 150 -23.07 18.97 2.81
CA GLU A 150 -22.98 20.29 3.44
C GLU A 150 -21.60 20.96 3.29
N VAL A 151 -20.58 20.22 2.83
CA VAL A 151 -19.16 20.67 2.90
C VAL A 151 -18.40 20.20 1.66
N ALA A 152 -17.28 20.84 1.32
CA ALA A 152 -16.46 20.47 0.17
C ALA A 152 -15.89 19.02 0.28
N PRO A 153 -15.59 18.36 -0.85
CA PRO A 153 -14.90 17.04 -0.72
C PRO A 153 -13.61 17.11 0.11
N HIS A 154 -13.43 16.14 0.99
CA HIS A 154 -12.25 16.11 1.85
C HIS A 154 -12.21 14.74 2.46
N ILE A 155 -11.00 14.22 2.65
CA ILE A 155 -10.78 12.99 3.46
C ILE A 155 -11.42 13.12 4.88
N PHE A 156 -11.42 14.34 5.43
CA PHE A 156 -12.08 14.58 6.73
C PHE A 156 -13.55 14.32 6.65
N ALA A 157 -14.16 14.61 5.51
CA ALA A 157 -15.63 14.49 5.39
C ALA A 157 -16.06 13.00 5.40
N ILE A 158 -15.33 12.17 4.65
CA ILE A 158 -15.67 10.76 4.60
CA ILE A 158 -15.63 10.75 4.60
C ILE A 158 -15.31 10.12 5.95
N SER A 159 -14.26 10.66 6.62
CA SER A 159 -13.91 10.19 7.97
C SER A 159 -15.11 10.50 8.90
N ASP A 160 -15.69 11.68 8.76
CA ASP A 160 -16.85 12.02 9.62
C ASP A 160 -18.05 11.15 9.33
N VAL A 161 -18.32 10.90 8.05
CA VAL A 161 -19.46 10.06 7.62
C VAL A 161 -19.39 8.66 8.24
N ALA A 162 -18.20 8.03 8.20
CA ALA A 162 -17.98 6.74 8.87
C ALA A 162 -18.23 6.83 10.38
N TYR A 163 -17.74 7.89 11.01
CA TYR A 163 -17.84 8.04 12.44
C TYR A 163 -19.33 8.18 12.83
N ARG A 164 -20.10 8.99 12.09
CA ARG A 164 -21.54 9.12 12.39
C ARG A 164 -22.30 7.83 12.14
N SER A 165 -21.92 7.10 11.08
CA SER A 165 -22.53 5.80 10.77
C SER A 165 -22.23 4.77 11.83
N MET A 166 -20.99 4.77 12.32
CA MET A 166 -20.61 3.96 13.47
C MET A 166 -21.54 4.21 14.69
N LEU A 167 -21.69 5.48 15.09
CA LEU A 167 -22.59 5.84 16.19
C LEU A 167 -24.05 5.54 15.85
N ASP A 168 -24.56 6.06 14.74
CA ASP A 168 -25.99 5.88 14.34
C ASP A 168 -26.42 4.43 14.15
N ASP A 169 -25.56 3.62 13.55
CA ASP A 169 -25.93 2.26 13.15
C ASP A 169 -25.38 1.18 14.11
N ARG A 170 -24.55 1.61 15.06
CA ARG A 170 -23.89 0.70 16.00
C ARG A 170 -23.14 -0.44 15.27
N GLN A 171 -22.46 -0.05 14.19
CA GLN A 171 -21.82 -0.98 13.26
C GLN A 171 -20.37 -0.52 13.02
N ASN A 172 -19.46 -1.48 13.10
CA ASN A 172 -18.06 -1.22 12.80
C ASN A 172 -17.88 -0.77 11.31
N GLN A 173 -16.95 0.15 11.11
CA GLN A 173 -16.71 0.71 9.76
C GLN A 173 -15.27 0.47 9.27
N SER A 174 -15.08 0.56 7.96
CA SER A 174 -13.70 0.56 7.47
C SER A 174 -13.49 1.61 6.38
N LEU A 175 -12.25 2.11 6.29
CA LEU A 175 -11.90 3.03 5.24
C LEU A 175 -10.81 2.37 4.43
N LEU A 176 -11.11 2.10 3.16
CA LEU A 176 -10.25 1.29 2.32
C LEU A 176 -9.67 2.26 1.31
N ILE A 177 -8.38 2.52 1.44
CA ILE A 177 -7.73 3.54 0.61
C ILE A 177 -6.88 2.85 -0.43
N THR A 178 -7.29 2.89 -1.68
CA THR A 178 -6.59 2.15 -2.72
C THR A 178 -5.62 3.05 -3.48
N GLY A 179 -4.69 2.46 -4.24
CA GLY A 179 -3.82 3.24 -5.07
C GLY A 179 -2.55 2.46 -5.42
N GLU A 180 -1.99 2.72 -6.60
CA GLU A 180 -0.69 2.18 -6.91
C GLU A 180 0.34 2.88 -6.02
N SER A 181 1.59 2.36 -6.00
CA SER A 181 2.63 2.90 -5.15
C SER A 181 2.82 4.41 -5.37
N GLY A 182 2.88 5.19 -4.29
CA GLY A 182 3.17 6.65 -4.42
C GLY A 182 1.90 7.49 -4.60
N ALA A 183 0.73 6.86 -4.66
CA ALA A 183 -0.54 7.58 -4.93
C ALA A 183 -1.09 8.45 -3.81
N GLY A 184 -0.80 8.09 -2.56
CA GLY A 184 -1.13 8.94 -1.43
C GLY A 184 -1.90 8.20 -0.33
N LYS A 185 -1.85 6.85 -0.34
CA LYS A 185 -2.59 6.06 0.64
C LYS A 185 -2.16 6.30 2.06
N THR A 186 -0.85 6.29 2.29
CA THR A 186 -0.33 6.48 3.63
C THR A 186 -0.62 7.90 4.13
N GLU A 187 -0.47 8.91 3.28
CA GLU A 187 -0.74 10.29 3.72
C GLU A 187 -2.22 10.46 4.06
N ASN A 188 -3.12 9.90 3.25
CA ASN A 188 -4.55 9.95 3.59
C ASN A 188 -4.92 9.16 4.82
N THR A 189 -4.24 8.02 5.02
CA THR A 189 -4.43 7.21 6.22
C THR A 189 -4.15 8.06 7.48
N LYS A 190 -3.01 8.74 7.48
CA LYS A 190 -2.62 9.61 8.57
C LYS A 190 -3.69 10.73 8.84
N LYS A 191 -4.33 11.26 7.81
CA LYS A 191 -5.37 12.31 8.00
C LYS A 191 -6.64 11.76 8.59
N VAL A 192 -6.99 10.53 8.20
CA VAL A 192 -8.16 9.85 8.79
C VAL A 192 -7.96 9.69 10.31
N ILE A 193 -6.80 9.14 10.68
CA ILE A 193 -6.40 8.96 12.07
C ILE A 193 -6.40 10.31 12.82
N GLN A 194 -5.74 11.31 12.27
CA GLN A 194 -5.72 12.65 12.84
C GLN A 194 -7.12 13.18 13.14
N TYR A 195 -8.02 13.01 12.17
CA TYR A 195 -9.36 13.51 12.24
C TYR A 195 -10.17 12.80 13.31
N LEU A 196 -10.10 11.47 13.31
CA LEU A 196 -10.83 10.66 14.30
C LEU A 196 -10.35 10.96 15.73
N ALA A 197 -9.04 11.17 15.89
CA ALA A 197 -8.45 11.35 17.21
C ALA A 197 -8.89 12.69 17.76
N SER A 198 -8.97 13.69 16.88
CA SER A 198 -9.49 15.02 17.21
C SER A 198 -10.99 15.03 17.51
N VAL A 199 -11.83 14.56 16.61
CA VAL A 199 -13.27 14.67 16.87
C VAL A 199 -13.79 13.71 17.98
N ALA A 200 -13.13 12.57 18.18
CA ALA A 200 -13.55 11.58 19.19
C ALA A 200 -12.63 11.53 20.44
N GLY A 201 -11.66 12.43 20.50
CA GLY A 201 -10.61 12.43 21.53
C GLY A 201 -10.96 13.04 22.88
N ARG A 202 -10.02 12.93 23.82
CA ARG A 202 -10.11 13.52 25.17
C ARG A 202 -8.83 14.30 25.54
C GLY A 209 -3.70 12.26 25.49
N VAL A 210 -3.00 11.75 26.49
CA VAL A 210 -1.82 10.87 26.30
C VAL A 210 -2.08 9.81 25.22
N LEU A 211 -3.22 9.11 25.30
CA LEU A 211 -3.54 8.01 24.43
C LEU A 211 -3.55 8.45 22.97
N GLU A 212 -4.21 9.59 22.72
CA GLU A 212 -4.33 10.19 21.38
C GLU A 212 -2.99 10.57 20.81
N GLN A 213 -2.14 11.11 21.66
CA GLN A 213 -0.76 11.37 21.25
C GLN A 213 -0.02 10.07 20.93
N GLN A 214 -0.21 9.02 21.72
CA GLN A 214 0.50 7.76 21.49
C GLN A 214 0.02 7.10 20.19
N ILE A 215 -1.26 7.22 19.88
CA ILE A 215 -1.79 6.70 18.62
C ILE A 215 -1.10 7.40 17.43
N LEU A 216 -0.94 8.71 17.54
CA LEU A 216 -0.30 9.49 16.46
C LEU A 216 1.18 9.23 16.32
N GLN A 217 1.86 8.98 17.45
CA GLN A 217 3.32 8.84 17.48
C GLN A 217 3.78 7.44 17.09
N ALA A 218 2.83 6.51 17.04
CA ALA A 218 3.07 5.17 16.52
C ALA A 218 3.62 5.22 15.12
N ASN A 219 3.13 6.19 14.32
CA ASN A 219 3.42 6.22 12.91
C ASN A 219 4.86 6.54 12.49
N PRO A 220 5.51 7.56 13.09
CA PRO A 220 6.91 7.76 12.73
C PRO A 220 7.81 6.60 13.09
N ILE A 221 7.40 5.81 14.09
CA ILE A 221 8.18 4.62 14.49
C ILE A 221 7.99 3.61 13.39
N LEU A 222 6.74 3.27 13.08
CA LEU A 222 6.50 2.32 11.95
C LEU A 222 7.10 2.74 10.61
N GLU A 223 7.01 4.01 10.24
CA GLU A 223 7.66 4.47 9.00
C GLU A 223 9.17 4.43 8.97
N ALA A 224 9.82 4.76 10.11
CA ALA A 224 11.31 4.81 10.12
C ALA A 224 11.83 3.40 9.80
N PHE A 225 11.10 2.39 10.29
CA PHE A 225 11.53 1.00 10.20
C PHE A 225 10.88 0.24 9.00
N GLY A 226 9.76 0.73 8.52
CA GLY A 226 8.97 -0.03 7.54
C GLY A 226 8.79 0.66 6.20
N ASN A 227 9.28 1.89 6.06
CA ASN A 227 9.22 2.63 4.80
C ASN A 227 10.60 2.82 4.26
N ALA A 228 10.71 2.96 2.93
CA ALA A 228 12.00 3.13 2.27
C ALA A 228 11.75 3.82 0.97
N LYS A 229 12.80 4.46 0.44
CA LYS A 229 12.71 5.06 -0.89
C LYS A 229 12.75 3.96 -1.95
N THR A 230 11.72 3.87 -2.79
CA THR A 230 11.83 3.02 -3.98
C THR A 230 11.84 3.94 -5.17
N THR A 231 11.93 3.39 -6.38
CA THR A 231 11.86 4.21 -7.58
C THR A 231 10.45 4.79 -7.79
N ARG A 232 9.46 4.34 -7.03
CA ARG A 232 8.12 4.89 -7.21
C ARG A 232 7.68 5.89 -6.13
N ASN A 233 8.34 5.83 -5.00
CA ASN A 233 7.93 6.60 -3.86
C ASN A 233 9.12 6.76 -2.93
N ASN A 234 9.41 8.02 -2.58
CA ASN A 234 10.50 8.30 -1.62
C ASN A 234 10.20 7.86 -0.22
N ASN A 235 8.91 7.65 0.09
CA ASN A 235 8.48 7.16 1.39
C ASN A 235 7.58 5.95 1.23
N SER A 236 8.07 4.96 0.51
CA SER A 236 7.25 3.80 0.21
C SER A 236 7.05 2.91 1.45
N SER A 237 5.77 2.59 1.78
CA SER A 237 5.41 1.59 2.79
C SER A 237 5.79 0.20 2.28
N ARG A 238 6.67 -0.48 3.02
CA ARG A 238 7.13 -1.83 2.59
C ARG A 238 6.48 -2.95 3.41
N PHE A 239 5.43 -2.59 4.16
CA PHE A 239 4.54 -3.47 4.85
C PHE A 239 3.16 -2.80 4.75
N GLY A 240 2.13 -3.62 4.71
CA GLY A 240 0.77 -3.11 4.78
C GLY A 240 0.31 -3.12 6.23
N LYS A 241 -0.72 -2.32 6.52
CA LYS A 241 -1.34 -2.31 7.85
C LYS A 241 -2.86 -2.06 7.80
N PHE A 242 -3.55 -2.61 8.79
CA PHE A 242 -4.95 -2.28 9.07
C PHE A 242 -4.93 -1.65 10.45
N ILE A 243 -5.33 -0.38 10.55
CA ILE A 243 -5.35 0.35 11.84
C ILE A 243 -6.76 0.39 12.42
N GLU A 244 -7.00 -0.28 13.56
CA GLU A 244 -8.33 -0.23 14.19
C GLU A 244 -8.34 0.92 15.16
N ILE A 245 -9.09 1.98 14.87
CA ILE A 245 -9.29 3.03 15.87
C ILE A 245 -10.52 2.61 16.69
N GLN A 246 -10.38 2.51 18.02
CA GLN A 246 -11.40 1.91 18.89
C GLN A 246 -12.07 3.02 19.69
N PHE A 247 -13.38 2.84 19.89
CA PHE A 247 -14.28 3.80 20.53
C PHE A 247 -15.14 3.08 21.56
N ASN A 248 -15.52 3.80 22.62
CA ASN A 248 -16.43 3.20 23.60
C ASN A 248 -17.86 3.39 23.15
N SER A 249 -18.83 2.94 23.98
CA SER A 249 -20.26 3.04 23.68
C SER A 249 -20.66 4.49 23.41
N ALA A 250 -19.99 5.41 24.06
CA ALA A 250 -20.28 6.83 23.96
C ALA A 250 -19.63 7.54 22.74
N GLY A 251 -18.73 6.85 22.02
CA GLY A 251 -18.19 7.42 20.78
C GLY A 251 -16.88 8.13 20.96
N PHE A 252 -16.28 7.99 22.14
CA PHE A 252 -14.97 8.54 22.44
C PHE A 252 -13.92 7.48 22.13
N ILE A 253 -12.73 7.92 21.71
CA ILE A 253 -11.61 7.00 21.44
C ILE A 253 -11.15 6.32 22.73
N SER A 254 -11.04 4.99 22.73
CA SER A 254 -10.65 4.22 23.93
C SER A 254 -9.39 3.35 23.73
N GLY A 255 -9.01 3.15 22.46
CA GLY A 255 -7.73 2.52 22.16
C GLY A 255 -7.50 2.52 20.67
N ALA A 256 -6.53 1.68 20.29
CA ALA A 256 -6.22 1.38 18.90
C ALA A 256 -5.32 0.15 18.85
N SER A 257 -5.35 -0.52 17.70
CA SER A 257 -4.62 -1.74 17.46
C SER A 257 -4.10 -1.70 16.01
N ILE A 258 -2.81 -1.97 15.85
CA ILE A 258 -2.20 -2.02 14.53
C ILE A 258 -1.99 -3.47 14.14
N GLN A 259 -2.74 -3.90 13.13
CA GLN A 259 -2.40 -5.13 12.41
C GLN A 259 -1.37 -4.82 11.30
N SER A 260 -0.17 -5.38 11.42
CA SER A 260 0.82 -5.19 10.37
C SER A 260 0.92 -6.51 9.57
N TYR A 261 1.23 -6.39 8.29
CA TYR A 261 1.29 -7.52 7.42
C TYR A 261 2.75 -7.66 7.01
N LEU A 262 3.03 -8.73 6.28
CA LEU A 262 4.37 -9.13 6.00
C LEU A 262 5.21 -7.96 5.53
N LEU A 263 6.40 -7.83 6.13
CA LEU A 263 7.38 -6.85 5.78
C LEU A 263 8.31 -7.31 4.62
N GLU A 264 8.66 -6.40 3.71
CA GLU A 264 9.64 -6.73 2.69
C GLU A 264 11.07 -6.84 3.28
N LYS A 265 11.35 -7.94 3.99
CA LYS A 265 12.65 -8.14 4.69
C LYS A 265 13.83 -8.15 3.74
N SER A 266 13.63 -8.63 2.51
CA SER A 266 14.74 -8.68 1.51
C SER A 266 15.43 -7.34 1.25
N ARG A 267 14.70 -6.23 1.46
CA ARG A 267 15.29 -4.89 1.28
C ARG A 267 16.46 -4.59 2.26
N VAL A 268 16.48 -5.26 3.40
CA VAL A 268 17.55 -4.99 4.39
C VAL A 268 18.97 -5.30 3.80
N VAL A 269 19.04 -6.37 2.99
CA VAL A 269 20.30 -6.92 2.47
C VAL A 269 20.54 -6.56 0.99
N PHE A 270 19.49 -6.11 0.28
CA PHE A 270 19.62 -5.75 -1.15
C PHE A 270 18.71 -4.59 -1.57
N GLN A 271 19.27 -3.62 -2.32
CA GLN A 271 18.44 -2.58 -2.94
C GLN A 271 18.91 -2.33 -4.37
N SER A 272 17.93 -2.19 -5.26
CA SER A 272 18.14 -1.85 -6.66
C SER A 272 18.69 -0.44 -6.79
N GLU A 273 19.26 -0.13 -7.94
CA GLU A 273 19.88 1.17 -8.13
C GLU A 273 18.90 2.31 -7.87
N THR A 274 19.39 3.41 -7.25
CA THR A 274 18.66 4.63 -6.84
C THR A 274 17.80 4.47 -5.58
N GLU A 275 17.47 3.22 -5.21
CA GLU A 275 16.63 2.95 -4.02
C GLU A 275 17.40 3.14 -2.70
N ARG A 276 16.71 3.07 -1.56
CA ARG A 276 17.39 3.06 -0.29
C ARG A 276 16.93 1.84 0.50
N ASN A 277 17.71 1.48 1.51
CA ASN A 277 17.28 0.60 2.57
C ASN A 277 16.26 1.36 3.44
N TYR A 278 15.76 0.71 4.49
CA TYR A 278 14.81 1.34 5.42
C TYR A 278 15.41 2.65 5.97
N HIS A 279 14.52 3.63 6.17
CA HIS A 279 14.93 4.97 6.59
C HIS A 279 15.80 4.92 7.87
N ILE A 280 15.40 4.10 8.84
CA ILE A 280 16.08 4.00 10.12
C ILE A 280 17.59 3.92 10.04
N PHE A 281 18.11 3.17 9.06
CA PHE A 281 19.55 3.01 8.90
C PHE A 281 20.24 4.37 8.64
N TYR A 282 19.63 5.16 7.77
CA TYR A 282 20.17 6.46 7.43
C TYR A 282 19.95 7.43 8.60
N GLN A 283 18.80 7.30 9.27
CA GLN A 283 18.52 8.11 10.45
C GLN A 283 19.56 7.91 11.59
N LEU A 284 19.94 6.65 11.83
CA LEU A 284 20.89 6.34 12.90
C LEU A 284 22.25 6.96 12.57
N LEU A 285 22.74 6.71 11.37
CA LEU A 285 24.03 7.17 11.00
C LEU A 285 24.12 8.71 10.91
N ALA A 286 23.00 9.37 10.57
CA ALA A 286 22.97 10.83 10.41
C ALA A 286 22.77 11.53 11.73
N GLY A 287 21.96 10.92 12.60
CA GLY A 287 21.53 11.59 13.77
C GLY A 287 22.16 11.16 15.07
N ALA A 288 22.97 10.10 15.06
CA ALA A 288 23.63 9.62 16.29
C ALA A 288 24.68 10.62 16.80
N THR A 289 24.71 10.79 18.13
CA THR A 289 25.83 11.45 18.88
C THR A 289 27.19 10.87 18.48
N ALA A 290 28.25 11.63 18.72
CA ALA A 290 29.60 11.26 18.29
C ALA A 290 30.10 9.98 18.96
N GLU A 291 29.58 9.73 20.16
CA GLU A 291 29.94 8.57 20.95
C GLU A 291 28.82 7.55 21.12
N GLU A 292 27.56 7.95 20.74
CA GLU A 292 26.64 6.91 20.29
C GLU A 292 27.21 6.11 19.13
N LYS A 293 27.93 6.91 18.24
CA LYS A 293 28.58 6.35 17.08
C LYS A 293 29.87 5.57 17.42
N LYS A 294 30.57 6.00 18.46
CA LYS A 294 31.82 5.33 18.86
CA LYS A 294 31.76 5.32 18.94
C LYS A 294 31.48 3.97 19.47
N ALA A 295 30.47 3.97 20.34
CA ALA A 295 30.06 2.82 21.06
C ALA A 295 29.40 1.71 20.18
N LEU A 296 28.84 2.12 19.03
CA LEU A 296 28.16 1.20 18.12
C LEU A 296 29.08 0.84 16.94
N HIS A 297 30.31 1.38 16.97
CA HIS A 297 31.33 1.24 15.92
C HIS A 297 30.77 1.70 14.56
N LEU A 298 30.08 2.83 14.55
CA LEU A 298 29.45 3.33 13.32
C LEU A 298 30.29 4.33 12.53
N ALA A 299 30.23 4.30 11.20
CA ALA A 299 30.74 5.41 10.40
C ALA A 299 29.65 5.88 9.43
N GLY A 300 30.03 6.36 8.24
CA GLY A 300 29.05 6.83 7.25
C GLY A 300 28.40 5.72 6.41
N PRO A 301 27.25 6.01 5.77
CA PRO A 301 26.56 4.92 5.02
C PRO A 301 27.41 4.29 3.95
N GLU A 302 28.31 5.05 3.31
CA GLU A 302 29.21 4.48 2.25
C GLU A 302 30.13 3.35 2.78
N SER A 303 30.30 3.29 4.10
CA SER A 303 31.09 2.25 4.76
C SER A 303 30.40 0.89 4.88
N PHE A 304 29.11 0.83 4.55
CA PHE A 304 28.30 -0.37 4.79
C PHE A 304 27.73 -0.98 3.54
N ASN A 305 28.06 -2.26 3.32
CA ASN A 305 27.58 -2.94 2.15
CA ASN A 305 27.58 -2.95 2.15
C ASN A 305 26.05 -2.85 2.01
N TYR A 306 25.33 -2.86 3.13
CA TYR A 306 23.86 -2.85 3.05
C TYR A 306 23.30 -1.49 2.70
N LEU A 307 24.15 -0.45 2.63
CA LEU A 307 23.76 0.97 2.35
C LEU A 307 24.51 1.58 1.18
N ASN A 308 25.50 0.88 0.62
CA ASN A 308 26.37 1.50 -0.36
C ASN A 308 26.31 0.87 -1.74
N GLN A 309 25.24 0.14 -2.05
CA GLN A 309 25.15 -0.57 -3.32
C GLN A 309 24.29 0.18 -4.34
N SER A 310 23.22 0.80 -3.86
CA SER A 310 22.24 1.40 -4.76
C SER A 310 22.71 2.72 -5.41
N GLY A 311 23.68 3.39 -4.81
CA GLY A 311 24.15 4.68 -5.33
C GLY A 311 23.39 5.84 -4.71
N CYS A 312 22.44 5.55 -3.81
CA CYS A 312 21.62 6.59 -3.20
C CYS A 312 21.61 6.42 -1.68
N VAL A 313 22.12 7.43 -0.97
CA VAL A 313 22.11 7.51 0.50
C VAL A 313 21.25 8.66 1.08
N ASP A 314 20.81 9.59 0.23
CA ASP A 314 20.01 10.77 0.67
C ASP A 314 18.76 10.85 -0.17
N ILE A 315 17.73 11.41 0.42
CA ILE A 315 16.49 11.67 -0.29
C ILE A 315 16.30 13.19 -0.37
N LYS A 316 16.00 13.67 -1.58
CA LYS A 316 15.66 15.09 -1.82
C LYS A 316 14.69 15.63 -0.79
N GLY A 317 15.11 16.67 -0.05
CA GLY A 317 14.20 17.37 0.88
C GLY A 317 14.04 16.67 2.22
N VAL A 318 14.86 15.65 2.44
CA VAL A 318 14.73 14.90 3.68
C VAL A 318 16.03 14.98 4.45
N SER A 319 15.92 15.38 5.70
CA SER A 319 17.03 15.37 6.63
C SER A 319 16.87 14.13 7.50
N ASP A 320 17.76 13.17 7.31
CA ASP A 320 17.71 11.93 8.06
C ASP A 320 18.04 12.20 9.52
N SER A 321 18.92 13.17 9.76
CA SER A 321 19.23 13.59 11.15
CA SER A 321 19.21 13.58 11.15
C SER A 321 17.99 14.13 11.86
N GLU A 322 17.27 15.04 11.20
CA GLU A 322 16.04 15.63 11.76
C GLU A 322 14.96 14.55 11.93
N GLU A 323 14.84 13.64 10.97
CA GLU A 323 13.88 12.52 11.16
C GLU A 323 14.22 11.62 12.34
N PHE A 324 15.51 11.40 12.57
CA PHE A 324 15.95 10.57 13.69
C PHE A 324 15.42 11.13 15.01
N LYS A 325 15.54 12.45 15.21
CA LYS A 325 14.96 13.19 16.37
C LYS A 325 13.49 12.91 16.54
N ILE A 326 12.76 12.91 15.43
CA ILE A 326 11.33 12.67 15.43
C ILE A 326 11.04 11.22 15.83
N THR A 327 11.86 10.28 15.33
CA THR A 327 11.66 8.85 15.63
C THR A 327 11.91 8.63 17.12
N ARG A 328 13.01 9.18 17.63
CA ARG A 328 13.30 9.12 19.09
C ARG A 328 12.24 9.76 19.97
N GLN A 329 11.77 10.95 19.60
CA GLN A 329 10.63 11.60 20.32
C GLN A 329 9.39 10.73 20.32
N ALA A 330 9.08 10.15 19.17
CA ALA A 330 7.94 9.23 19.08
C ALA A 330 8.13 8.02 19.96
N MET A 331 9.35 7.46 19.96
CA MET A 331 9.65 6.33 20.89
C MET A 331 9.46 6.72 22.36
N ASP A 332 9.92 7.92 22.74
CA ASP A 332 9.72 8.44 24.11
C ASP A 332 8.28 8.50 24.49
N ILE A 333 7.46 9.07 23.61
CA ILE A 333 6.03 9.26 23.84
C ILE A 333 5.27 7.94 23.97
N VAL A 334 5.60 6.98 23.12
CA VAL A 334 4.94 5.66 23.20
C VAL A 334 5.40 4.91 24.44
N GLY A 335 6.61 5.19 24.91
CA GLY A 335 7.07 4.64 26.15
C GLY A 335 8.19 3.64 26.08
N PHE A 336 8.95 3.62 24.98
CA PHE A 336 10.13 2.77 24.97
C PHE A 336 11.16 3.38 25.93
N SER A 337 11.65 2.56 26.85
CA SER A 337 12.69 2.97 27.78
C SER A 337 13.98 3.34 27.05
N GLN A 338 14.87 4.02 27.77
CA GLN A 338 16.11 4.46 27.21
C GLN A 338 17.02 3.24 26.84
N GLU A 339 16.95 2.19 27.66
CA GLU A 339 17.70 0.97 27.41
C GLU A 339 17.11 0.26 26.18
N GLU A 340 15.78 0.25 26.10
CA GLU A 340 15.07 -0.39 24.97
C GLU A 340 15.53 0.25 23.69
N GLN A 341 15.44 1.58 23.65
CA GLN A 341 15.93 2.35 22.52
C GLN A 341 17.37 2.07 22.17
N MET A 342 18.22 1.96 23.19
CA MET A 342 19.65 1.72 22.96
CA MET A 342 19.65 1.75 22.97
C MET A 342 19.69 0.38 22.23
N SER A 343 19.09 -0.63 22.85
CA SER A 343 19.04 -2.00 22.29
C SER A 343 18.54 -2.02 20.83
N ILE A 344 17.48 -1.26 20.54
CA ILE A 344 17.01 -1.07 19.14
C ILE A 344 18.09 -0.64 18.20
N PHE A 345 18.86 0.40 18.58
CA PHE A 345 19.94 0.91 17.72
C PHE A 345 21.13 -0.01 17.63
N LYS A 346 21.42 -0.72 18.73
CA LYS A 346 22.42 -1.81 18.70
C LYS A 346 22.07 -2.91 17.67
N ILE A 347 20.80 -3.23 17.58
CA ILE A 347 20.34 -4.24 16.61
C ILE A 347 20.55 -3.70 15.19
N ILE A 348 20.16 -2.42 14.97
CA ILE A 348 20.34 -1.76 13.69
C ILE A 348 21.85 -1.70 13.32
N ALA A 349 22.68 -1.21 14.23
CA ALA A 349 24.14 -1.19 14.02
C ALA A 349 24.68 -2.60 13.74
N GLY A 350 24.26 -3.60 14.51
CA GLY A 350 24.82 -4.95 14.34
C GLY A 350 24.47 -5.56 12.99
N ILE A 351 23.25 -5.26 12.50
CA ILE A 351 22.85 -5.63 11.13
C ILE A 351 23.79 -5.02 10.11
N LEU A 352 24.11 -3.73 10.27
CA LEU A 352 25.09 -3.07 9.34
C LEU A 352 26.45 -3.76 9.40
N HIS A 353 26.89 -4.09 10.60
CA HIS A 353 28.16 -4.83 10.77
C HIS A 353 28.10 -6.23 10.14
N LEU A 354 27.06 -7.00 10.43
CA LEU A 354 26.90 -8.33 9.78
C LEU A 354 27.06 -8.24 8.26
N GLY A 355 26.54 -7.14 7.67
CA GLY A 355 26.53 -7.02 6.21
C GLY A 355 27.94 -6.76 5.67
N ASN A 356 28.80 -6.28 6.57
CA ASN A 356 30.23 -6.03 6.27
C ASN A 356 31.16 -7.26 6.37
N ILE A 357 30.65 -8.35 6.97
CA ILE A 357 31.40 -9.60 6.99
C ILE A 357 31.67 -10.08 5.55
N LYS A 358 32.96 -10.32 5.25
CA LYS A 358 33.37 -10.83 3.95
C LYS A 358 33.93 -12.25 4.06
N PHE A 359 33.13 -13.22 3.63
CA PHE A 359 33.56 -14.58 3.51
C PHE A 359 34.49 -14.72 2.31
N GLU A 360 35.45 -15.63 2.42
CA GLU A 360 36.24 -16.05 1.28
C GLU A 360 36.48 -17.56 1.29
N LYS A 361 36.93 -18.10 0.16
CA LYS A 361 37.31 -19.51 0.08
C LYS A 361 38.52 -19.80 0.96
N GLY A 362 38.45 -20.90 1.71
CA GLY A 362 39.61 -21.43 2.40
C GLY A 362 40.42 -22.38 1.53
N ALA A 363 41.13 -23.29 2.17
CA ALA A 363 41.94 -24.27 1.45
C ALA A 363 41.07 -25.23 0.66
N GLY A 364 39.96 -25.65 1.27
CA GLY A 364 38.97 -26.48 0.57
C GLY A 364 37.84 -25.68 -0.03
N GLU A 365 36.67 -26.33 -0.14
CA GLU A 365 35.47 -25.65 -0.67
C GLU A 365 34.76 -24.74 0.37
N GLY A 366 34.96 -25.00 1.66
CA GLY A 366 34.30 -24.26 2.74
C GLY A 366 34.82 -22.84 2.90
N ALA A 367 33.97 -21.94 3.36
CA ALA A 367 34.41 -20.55 3.52
C ALA A 367 35.26 -20.36 4.79
N VAL A 368 36.04 -19.27 4.81
CA VAL A 368 36.72 -18.81 6.03
C VAL A 368 36.50 -17.30 6.28
N LEU A 369 36.78 -16.85 7.49
CA LEU A 369 36.77 -15.45 7.75
C LEU A 369 38.20 -15.09 8.13
N LYS A 370 38.89 -14.38 7.25
CA LYS A 370 40.25 -13.93 7.52
C LYS A 370 40.21 -12.59 8.27
N ASP A 371 39.30 -11.71 7.90
CA ASP A 371 39.19 -10.45 8.61
C ASP A 371 37.93 -10.53 9.47
N LYS A 372 38.12 -10.46 10.79
CA LYS A 372 37.04 -10.58 11.75
C LYS A 372 36.53 -9.25 12.35
N THR A 373 36.92 -8.12 11.76
CA THR A 373 36.50 -6.82 12.29
C THR A 373 34.94 -6.62 12.41
N ALA A 374 34.24 -6.74 11.29
CA ALA A 374 32.76 -6.70 11.25
C ALA A 374 32.12 -7.76 12.15
N LEU A 375 32.61 -9.00 12.11
CA LEU A 375 32.11 -10.08 13.01
C LEU A 375 32.17 -9.67 14.46
N ASN A 376 33.35 -9.18 14.88
CA ASN A 376 33.55 -8.77 16.28
C ASN A 376 32.71 -7.57 16.66
N ALA A 377 32.65 -6.58 15.78
CA ALA A 377 31.77 -5.42 16.00
C ALA A 377 30.30 -5.87 16.13
N ALA A 378 29.80 -6.70 15.18
CA ALA A 378 28.44 -7.23 15.36
C ALA A 378 28.27 -7.94 16.70
N SER A 379 29.23 -8.79 17.07
CA SER A 379 29.01 -9.61 18.25
C SER A 379 28.99 -8.74 19.49
N THR A 380 29.86 -7.76 19.53
CA THR A 380 29.88 -6.81 20.64
C THR A 380 28.51 -6.09 20.79
N VAL A 381 28.00 -5.51 19.71
CA VAL A 381 26.76 -4.74 19.89
C VAL A 381 25.57 -5.64 20.13
N PHE A 382 25.60 -6.89 19.60
CA PHE A 382 24.45 -7.80 19.82
C PHE A 382 24.54 -8.46 21.19
N GLY A 383 25.75 -8.52 21.74
CA GLY A 383 26.00 -9.25 23.02
C GLY A 383 26.00 -10.75 22.79
N VAL A 384 26.66 -11.20 21.73
CA VAL A 384 26.77 -12.62 21.45
C VAL A 384 28.24 -13.00 21.31
N ASN A 385 28.51 -14.31 21.33
CA ASN A 385 29.89 -14.80 21.26
C ASN A 385 30.34 -14.88 19.81
N PRO A 386 31.44 -14.16 19.44
CA PRO A 386 31.84 -14.14 18.05
C PRO A 386 32.29 -15.51 17.48
N SER A 387 32.91 -16.37 18.32
CA SER A 387 33.37 -17.70 17.86
C SER A 387 32.18 -18.57 17.61
N VAL A 388 31.21 -18.45 18.50
CA VAL A 388 29.96 -19.15 18.32
C VAL A 388 29.27 -18.66 17.01
N LEU A 389 29.20 -17.34 16.82
CA LEU A 389 28.51 -16.80 15.66
C LEU A 389 29.24 -17.24 14.40
N GLU A 390 30.58 -17.11 14.39
CA GLU A 390 31.39 -17.49 13.23
C GLU A 390 31.08 -18.94 12.82
N LYS A 391 31.09 -19.85 13.80
CA LYS A 391 30.82 -21.26 13.56
C LYS A 391 29.41 -21.48 13.07
N ALA A 392 28.46 -20.74 13.63
CA ALA A 392 27.08 -20.87 13.20
C ALA A 392 26.83 -20.38 11.73
N LEU A 393 27.68 -19.48 11.25
CA LEU A 393 27.59 -18.92 9.88
C LEU A 393 28.19 -19.86 8.83
N MET A 394 29.39 -20.34 9.12
CA MET A 394 30.15 -21.11 8.13
C MET A 394 30.06 -22.63 8.30
N GLU A 395 29.78 -23.07 9.53
CA GLU A 395 29.70 -24.50 9.87
C GLU A 395 28.50 -24.81 10.68
N PRO A 396 27.28 -24.53 10.15
CA PRO A 396 26.12 -24.82 11.01
C PRO A 396 25.90 -26.33 11.09
N ARG A 397 25.41 -26.84 12.21
CA ARG A 397 25.04 -28.27 12.36
C ARG A 397 23.58 -28.54 11.99
N ILE A 398 23.35 -29.63 11.24
CA ILE A 398 22.05 -30.12 10.89
C ILE A 398 21.94 -31.63 11.26
N LEU A 399 20.72 -32.18 11.20
CA LEU A 399 20.50 -33.64 11.19
C LEU A 399 20.66 -34.23 9.80
N ALA A 400 21.30 -35.39 9.72
CA ALA A 400 21.31 -36.19 8.49
C ALA A 400 20.76 -37.54 8.93
N GLY A 401 19.44 -37.75 8.71
CA GLY A 401 18.68 -38.79 9.39
C GLY A 401 18.57 -38.36 10.83
N ARG A 402 19.29 -39.05 11.72
CA ARG A 402 19.40 -38.66 13.14
C ARG A 402 20.81 -38.23 13.59
N ASP A 403 21.79 -38.35 12.71
CA ASP A 403 23.16 -37.98 13.01
C ASP A 403 23.23 -36.46 13.00
N LEU A 404 24.20 -35.91 13.74
CA LEU A 404 24.39 -34.47 13.82
C LEU A 404 25.64 -34.16 13.05
N VAL A 405 25.49 -33.41 11.97
CA VAL A 405 26.61 -33.24 11.03
C VAL A 405 26.92 -31.74 10.86
N ALA A 406 28.15 -31.34 11.14
CA ALA A 406 28.55 -29.95 10.92
C ALA A 406 28.75 -29.81 9.44
N GLN A 407 28.00 -28.89 8.83
CA GLN A 407 28.24 -28.49 7.45
C GLN A 407 29.49 -27.60 7.39
N HIS A 408 30.03 -27.40 6.19
CA HIS A 408 30.99 -26.34 5.99
C HIS A 408 30.61 -25.59 4.71
N LEU A 409 29.88 -24.49 4.86
CA LEU A 409 29.26 -23.78 3.73
C LEU A 409 30.31 -23.02 2.94
N ASN A 410 30.10 -22.88 1.64
CA ASN A 410 30.99 -22.05 0.81
C ASN A 410 30.70 -20.55 1.00
N VAL A 411 31.43 -19.70 0.30
CA VAL A 411 31.25 -18.26 0.36
C VAL A 411 29.78 -17.88 0.11
N GLU A 412 29.20 -18.36 -0.97
CA GLU A 412 27.87 -17.96 -1.36
C GLU A 412 26.82 -18.41 -0.34
N LYS A 413 26.91 -19.67 0.12
CA LYS A 413 25.99 -20.18 1.14
C LYS A 413 26.23 -19.51 2.50
N SER A 414 27.48 -19.23 2.84
CA SER A 414 27.74 -18.51 4.11
C SER A 414 27.10 -17.10 4.04
N SER A 415 27.31 -16.42 2.91
CA SER A 415 26.81 -15.05 2.72
C SER A 415 25.26 -15.05 2.76
N SER A 416 24.62 -16.03 2.10
CA SER A 416 23.18 -16.22 2.14
CA SER A 416 23.18 -16.17 2.15
C SER A 416 22.67 -16.43 3.58
N SER A 417 23.37 -17.26 4.35
CA SER A 417 23.00 -17.55 5.72
C SER A 417 23.10 -16.29 6.58
N ARG A 418 24.22 -15.57 6.47
CA ARG A 418 24.39 -14.25 7.09
C ARG A 418 23.20 -13.32 6.74
N ASP A 419 22.82 -13.28 5.46
CA ASP A 419 21.63 -12.48 5.03
C ASP A 419 20.36 -12.98 5.67
N ALA A 420 20.20 -14.31 5.75
CA ALA A 420 19.03 -14.87 6.42
C ALA A 420 18.93 -14.41 7.87
N LEU A 421 20.07 -14.42 8.57
CA LEU A 421 20.11 -14.04 10.00
C LEU A 421 19.70 -12.56 10.10
N VAL A 422 20.29 -11.72 9.26
CA VAL A 422 19.94 -10.29 9.19
C VAL A 422 18.42 -10.03 8.98
N LYS A 423 17.85 -10.64 7.92
CA LYS A 423 16.43 -10.43 7.63
C LYS A 423 15.56 -10.86 8.81
N ALA A 424 15.91 -11.98 9.48
CA ALA A 424 15.14 -12.47 10.65
C ALA A 424 15.28 -11.49 11.80
N LEU A 425 16.50 -11.04 12.07
CA LEU A 425 16.69 -9.99 13.08
C LEU A 425 15.77 -8.81 12.78
N TYR A 426 15.77 -8.34 11.54
CA TYR A 426 15.08 -7.08 11.26
C TYR A 426 13.57 -7.28 11.28
N GLY A 427 13.11 -8.39 10.67
CA GLY A 427 11.65 -8.67 10.68
C GLY A 427 11.15 -8.97 12.09
N ARG A 428 11.95 -9.63 12.92
CA ARG A 428 11.49 -9.89 14.29
C ARG A 428 11.49 -8.60 15.11
N LEU A 429 12.51 -7.74 14.92
CA LEU A 429 12.52 -6.43 15.60
C LEU A 429 11.26 -5.66 15.22
N PHE A 430 10.88 -5.66 13.92
CA PHE A 430 9.70 -4.94 13.47
C PHE A 430 8.44 -5.44 14.15
N LEU A 431 8.28 -6.76 14.23
CA LEU A 431 7.14 -7.34 14.93
C LEU A 431 7.11 -6.90 16.41
N TRP A 432 8.28 -6.83 17.03
CA TRP A 432 8.37 -6.49 18.44
C TRP A 432 7.99 -5.02 18.69
N LEU A 433 8.45 -4.14 17.82
CA LEU A 433 8.03 -2.74 17.82
C LEU A 433 6.51 -2.60 17.78
N VAL A 434 5.87 -3.29 16.83
CA VAL A 434 4.42 -3.30 16.69
C VAL A 434 3.73 -3.91 17.95
N LYS A 435 4.26 -5.02 18.45
CA LYS A 435 3.73 -5.63 19.67
C LYS A 435 3.79 -4.61 20.84
N LYS A 436 4.95 -3.98 21.02
CA LYS A 436 5.15 -3.02 22.13
C LYS A 436 4.17 -1.83 21.98
N ILE A 437 4.10 -1.28 20.76
CA ILE A 437 3.17 -0.22 20.49
C ILE A 437 1.75 -0.66 20.82
N ASN A 438 1.36 -1.81 20.33
CA ASN A 438 0.00 -2.30 20.57
C ASN A 438 -0.33 -2.48 22.08
N ASN A 439 0.60 -3.02 22.85
CA ASN A 439 0.31 -3.17 24.29
C ASN A 439 -0.01 -1.81 24.96
N VAL A 440 0.78 -0.79 24.60
CA VAL A 440 0.50 0.55 25.07
C VAL A 440 -0.88 1.10 24.66
N LEU A 441 -1.34 0.78 23.44
CA LEU A 441 -2.61 1.31 22.93
C LEU A 441 -3.84 0.49 23.34
N CYS A 442 -3.56 -0.60 24.06
CA CYS A 442 -4.55 -1.57 24.48
C CYS A 442 -5.03 -1.31 25.92
N GLN A 443 -5.90 -0.32 26.04
CA GLN A 443 -6.18 0.25 27.36
C GLN A 443 -7.62 -0.04 27.78
N GLU A 444 -8.43 -0.49 26.83
CA GLU A 444 -9.86 -0.72 27.05
C GLU A 444 -10.33 -1.73 26.04
N ARG A 445 -11.31 -2.55 26.40
CA ARG A 445 -12.03 -3.34 25.44
C ARG A 445 -12.85 -2.38 24.62
N LYS A 446 -12.93 -2.62 23.32
CA LYS A 446 -13.57 -1.65 22.46
C LYS A 446 -15.05 -1.91 22.50
N ALA A 447 -15.84 -0.92 22.18
CA ALA A 447 -17.21 -1.21 21.87
C ALA A 447 -17.35 -1.29 20.35
N TYR A 448 -16.69 -0.36 19.65
CA TYR A 448 -16.76 -0.24 18.19
C TYR A 448 -15.39 0.10 17.67
N PHE A 449 -15.20 -0.04 16.36
CA PHE A 449 -13.96 0.43 15.71
C PHE A 449 -14.20 0.94 14.28
N ILE A 450 -13.31 1.85 13.86
CA ILE A 450 -13.18 2.22 12.48
C ILE A 450 -11.74 1.75 12.15
N GLY A 451 -11.65 0.87 11.15
CA GLY A 451 -10.39 0.32 10.67
C GLY A 451 -9.99 1.06 9.40
N VAL A 452 -8.73 1.48 9.33
CA VAL A 452 -8.20 2.12 8.12
C VAL A 452 -7.15 1.17 7.47
N LEU A 453 -7.41 0.77 6.23
CA LEU A 453 -6.50 -0.10 5.50
C LEU A 453 -5.51 0.69 4.63
N ASP A 454 -4.22 0.47 4.89
CA ASP A 454 -3.09 1.06 4.15
C ASP A 454 -2.09 -0.02 3.77
N ILE A 455 -2.33 -0.65 2.62
CA ILE A 455 -1.45 -1.69 2.08
C ILE A 455 -0.28 -1.09 1.29
N SER A 456 0.76 -1.90 1.04
CA SER A 456 1.67 -1.57 -0.04
C SER A 456 0.90 -1.59 -1.39
N GLY A 457 1.08 -0.55 -2.18
CA GLY A 457 0.25 -0.28 -3.34
C GLY A 457 0.83 -1.01 -4.55
N PHE A 458 0.04 -1.09 -5.60
CA PHE A 458 0.45 -1.77 -6.80
C PHE A 458 1.77 -1.21 -7.29
N GLU A 459 2.69 -2.10 -7.68
CA GLU A 459 4.01 -1.64 -8.13
C GLU A 459 4.63 -2.53 -9.20
N ILE A 460 5.35 -1.88 -10.12
CA ILE A 460 6.10 -2.55 -11.17
C ILE A 460 7.51 -1.98 -11.20
N PHE A 461 8.49 -2.87 -11.22
CA PHE A 461 9.90 -2.47 -11.32
C PHE A 461 10.49 -3.16 -12.52
N LYS A 462 11.74 -2.80 -12.83
CA LYS A 462 12.50 -3.50 -13.87
C LYS A 462 12.53 -4.98 -13.53
N VAL A 463 12.74 -5.28 -12.24
CA VAL A 463 12.76 -6.66 -11.75
C VAL A 463 11.68 -6.86 -10.69
N ASN A 464 10.71 -7.72 -10.97
CA ASN A 464 9.67 -8.06 -10.00
C ASN A 464 9.86 -9.44 -9.44
N SER A 465 9.73 -9.55 -8.13
CA SER A 465 10.02 -10.79 -7.50
C SER A 465 8.81 -11.28 -6.74
N PHE A 466 9.01 -12.29 -5.90
CA PHE A 466 7.96 -12.89 -5.11
C PHE A 466 7.19 -11.83 -4.30
N GLU A 467 7.92 -10.88 -3.73
CA GLU A 467 7.28 -9.86 -2.92
C GLU A 467 6.30 -9.02 -3.74
N GLN A 468 6.70 -8.67 -4.96
CA GLN A 468 5.87 -7.88 -5.89
C GLN A 468 4.64 -8.68 -6.29
N LEU A 469 4.78 -10.00 -6.48
CA LEU A 469 3.57 -10.79 -6.78
C LEU A 469 2.53 -10.70 -5.65
N CYS A 470 2.99 -10.90 -4.41
CA CYS A 470 2.08 -10.80 -3.26
C CYS A 470 1.49 -9.39 -3.04
N ILE A 471 2.32 -8.36 -3.12
CA ILE A 471 1.83 -6.97 -3.07
C ILE A 471 0.74 -6.80 -4.13
N ASN A 472 1.05 -7.20 -5.36
CA ASN A 472 0.14 -6.91 -6.47
C ASN A 472 -1.15 -7.67 -6.41
N TYR A 473 -1.06 -8.89 -5.89
CA TYR A 473 -2.22 -9.73 -5.59
C TYR A 473 -3.10 -9.12 -4.49
N THR A 474 -2.47 -8.58 -3.45
CA THR A 474 -3.20 -7.84 -2.38
C THR A 474 -3.99 -6.69 -2.98
N ASN A 475 -3.37 -5.93 -3.88
CA ASN A 475 -4.05 -4.84 -4.58
C ASN A 475 -5.15 -5.35 -5.50
N GLU A 476 -4.89 -6.44 -6.18
CA GLU A 476 -5.95 -7.10 -6.99
C GLU A 476 -7.19 -7.52 -6.14
N LYS A 477 -6.93 -8.12 -5.00
CA LYS A 477 -7.97 -8.54 -4.07
C LYS A 477 -8.74 -7.34 -3.54
N LEU A 478 -8.04 -6.25 -3.24
CA LEU A 478 -8.74 -5.04 -2.80
C LEU A 478 -9.63 -4.40 -3.88
N GLN A 479 -9.18 -4.45 -5.13
CA GLN A 479 -10.01 -3.94 -6.21
C GLN A 479 -11.25 -4.86 -6.36
N GLN A 480 -11.05 -6.18 -6.25
CA GLN A 480 -12.17 -7.13 -6.28
C GLN A 480 -13.21 -6.81 -5.19
N PHE A 481 -12.74 -6.41 -3.99
CA PHE A 481 -13.60 -6.04 -2.88
C PHE A 481 -14.43 -4.84 -3.23
N PHE A 482 -13.82 -3.80 -3.82
CA PHE A 482 -14.55 -2.67 -4.39
C PHE A 482 -15.59 -3.17 -5.45
N ASN A 483 -15.19 -4.01 -6.39
CA ASN A 483 -16.10 -4.54 -7.40
C ASN A 483 -17.31 -5.25 -6.78
N HIS A 484 -17.05 -6.08 -5.78
CA HIS A 484 -18.07 -6.87 -5.05
CA HIS A 484 -18.10 -6.87 -5.15
C HIS A 484 -19.08 -5.96 -4.40
N HIS A 485 -18.56 -4.97 -3.68
CA HIS A 485 -19.39 -4.01 -2.93
CA HIS A 485 -19.42 -4.08 -2.95
C HIS A 485 -20.21 -3.09 -3.82
N MET A 486 -19.60 -2.55 -4.88
CA MET A 486 -20.25 -1.54 -5.69
C MET A 486 -21.20 -2.14 -6.71
N PHE A 487 -20.85 -3.27 -7.29
CA PHE A 487 -21.57 -3.76 -8.44
C PHE A 487 -22.27 -5.08 -8.17
N LYS A 488 -21.55 -6.06 -7.63
CA LYS A 488 -22.05 -7.43 -7.51
C LYS A 488 -23.11 -7.57 -6.40
N LEU A 489 -22.78 -7.14 -5.18
CA LEU A 489 -23.71 -7.29 -4.05
C LEU A 489 -24.88 -6.36 -4.23
N GLU A 490 -24.62 -5.25 -4.91
CA GLU A 490 -25.63 -4.26 -5.15
C GLU A 490 -26.75 -4.81 -6.05
N GLN A 491 -26.37 -5.46 -7.15
CA GLN A 491 -27.32 -6.05 -8.10
C GLN A 491 -27.97 -7.36 -7.57
N GLU A 492 -27.22 -8.14 -6.78
CA GLU A 492 -27.77 -9.30 -6.06
C GLU A 492 -28.92 -8.94 -5.10
N GLU A 493 -28.88 -7.72 -4.57
CA GLU A 493 -29.90 -7.23 -3.66
C GLU A 493 -31.15 -6.88 -4.47
N TYR A 494 -30.97 -6.04 -5.51
CA TYR A 494 -32.05 -5.75 -6.44
C TYR A 494 -32.73 -7.05 -6.94
N LEU A 495 -31.94 -8.07 -7.26
CA LEU A 495 -32.47 -9.29 -7.85
C LEU A 495 -32.99 -10.30 -6.81
N LYS A 496 -32.55 -10.15 -5.56
CA LYS A 496 -33.10 -10.87 -4.41
C LYS A 496 -34.43 -10.23 -4.05
N GLU A 497 -34.63 -8.98 -4.48
CA GLU A 497 -35.82 -8.24 -4.12
C GLU A 497 -36.77 -8.00 -5.31
N LYS A 498 -36.39 -8.50 -6.49
CA LYS A 498 -37.29 -8.49 -7.66
C LYS A 498 -37.89 -7.10 -7.89
N ILE A 499 -37.05 -6.14 -8.25
CA ILE A 499 -37.43 -4.72 -8.28
C ILE A 499 -37.46 -4.14 -9.74
N ASN A 500 -37.52 -5.05 -10.71
CA ASN A 500 -37.56 -4.74 -12.16
C ASN A 500 -36.21 -4.28 -12.74
N TRP A 501 -35.14 -4.76 -12.16
CA TRP A 501 -33.79 -4.40 -12.57
C TRP A 501 -33.33 -5.31 -13.70
N THR A 502 -32.82 -4.75 -14.79
CA THR A 502 -31.99 -5.59 -15.67
C THR A 502 -30.50 -5.53 -15.24
N PHE A 503 -29.93 -6.71 -15.01
CA PHE A 503 -28.53 -6.85 -14.66
C PHE A 503 -27.61 -6.18 -15.71
N ILE A 504 -26.64 -5.40 -15.23
CA ILE A 504 -25.63 -4.78 -16.07
C ILE A 504 -24.29 -5.44 -15.80
N ASP A 505 -23.61 -5.87 -16.86
CA ASP A 505 -22.27 -6.39 -16.73
C ASP A 505 -21.32 -5.19 -16.77
N PHE A 506 -20.79 -4.79 -15.62
CA PHE A 506 -19.86 -3.64 -15.55
C PHE A 506 -18.41 -3.96 -16.04
N GLY A 507 -18.19 -5.21 -16.43
CA GLY A 507 -16.97 -5.60 -17.12
C GLY A 507 -15.72 -5.59 -16.28
N LEU A 508 -15.92 -5.56 -14.96
CA LEU A 508 -14.83 -5.52 -13.99
C LEU A 508 -14.89 -6.83 -13.18
N ASP A 509 -13.97 -7.74 -13.47
CA ASP A 509 -13.92 -8.96 -12.69
C ASP A 509 -12.50 -9.42 -12.67
N SER A 510 -11.92 -9.40 -11.47
CA SER A 510 -10.56 -9.81 -11.23
C SER A 510 -10.51 -11.33 -10.96
N GLN A 511 -11.64 -12.03 -11.09
CA GLN A 511 -11.67 -13.43 -10.65
C GLN A 511 -10.65 -14.36 -11.35
N ALA A 512 -10.53 -14.26 -12.66
CA ALA A 512 -9.57 -15.06 -13.42
C ALA A 512 -8.11 -14.83 -12.95
N THR A 513 -7.74 -13.57 -12.65
CA THR A 513 -6.36 -13.27 -12.22
C THR A 513 -6.19 -13.82 -10.81
N ILE A 514 -7.22 -13.62 -9.99
CA ILE A 514 -7.20 -14.13 -8.61
C ILE A 514 -7.03 -15.64 -8.58
N ASP A 515 -7.80 -16.34 -9.41
CA ASP A 515 -7.71 -17.81 -9.49
C ASP A 515 -6.36 -18.32 -9.97
N LEU A 516 -5.81 -17.64 -10.98
CA LEU A 516 -4.45 -17.95 -11.49
C LEU A 516 -3.42 -17.93 -10.36
N ILE A 517 -3.51 -16.91 -9.50
CA ILE A 517 -2.53 -16.70 -8.44
C ILE A 517 -2.81 -17.62 -7.23
N ASP A 518 -4.07 -17.78 -6.86
CA ASP A 518 -4.31 -18.41 -5.59
C ASP A 518 -5.39 -19.50 -5.71
N GLY A 519 -5.67 -19.94 -6.93
CA GLY A 519 -6.64 -21.06 -7.11
C GLY A 519 -6.28 -22.31 -6.31
N ARG A 520 -7.29 -23.09 -5.92
CA ARG A 520 -7.10 -24.34 -5.17
C ARG A 520 -7.15 -25.56 -6.10
N GLN A 521 -8.27 -25.74 -6.80
CA GLN A 521 -8.38 -26.83 -7.77
C GLN A 521 -9.04 -26.28 -9.03
N PRO A 522 -8.26 -26.07 -10.11
CA PRO A 522 -6.85 -26.43 -10.30
C PRO A 522 -5.88 -25.54 -9.48
N PRO A 523 -4.72 -26.07 -9.06
CA PRO A 523 -3.83 -25.25 -8.22
C PRO A 523 -3.35 -23.98 -8.95
N GLY A 524 -3.39 -22.84 -8.27
CA GLY A 524 -2.85 -21.59 -8.83
C GLY A 524 -1.34 -21.46 -8.64
N ILE A 525 -0.74 -20.31 -8.98
CA ILE A 525 0.71 -20.08 -8.78
C ILE A 525 1.25 -20.34 -7.35
N LEU A 526 0.52 -19.90 -6.34
CA LEU A 526 1.02 -19.98 -4.97
C LEU A 526 1.03 -21.43 -4.47
N ALA A 527 -0.05 -22.15 -4.77
CA ALA A 527 -0.13 -23.61 -4.49
C ALA A 527 1.03 -24.38 -5.15
N LEU A 528 1.33 -24.04 -6.39
CA LEU A 528 2.41 -24.69 -7.10
C LEU A 528 3.79 -24.38 -6.51
N LEU A 529 4.01 -23.09 -6.16
CA LEU A 529 5.17 -22.67 -5.39
C LEU A 529 5.32 -23.50 -4.12
N ASP A 530 4.26 -23.64 -3.35
CA ASP A 530 4.31 -24.43 -2.10
C ASP A 530 4.65 -25.92 -2.36
N GLU A 531 4.02 -26.52 -3.36
CA GLU A 531 4.36 -27.90 -3.78
C GLU A 531 5.84 -28.05 -4.10
N GLN A 532 6.38 -27.19 -4.96
CA GLN A 532 7.81 -27.17 -5.27
C GLN A 532 8.74 -26.94 -4.07
N SER A 533 8.22 -26.23 -3.06
CA SER A 533 8.99 -25.85 -1.87
C SER A 533 9.28 -27.02 -0.91
N VAL A 534 8.43 -28.06 -0.96
CA VAL A 534 8.69 -29.33 -0.24
C VAL A 534 9.15 -30.52 -1.13
N PHE A 535 9.33 -30.28 -2.43
CA PHE A 535 9.83 -31.26 -3.38
C PHE A 535 11.35 -31.25 -3.29
N PRO A 536 11.93 -32.24 -2.58
CA PRO A 536 13.39 -32.23 -2.26
C PRO A 536 14.42 -31.81 -3.37
N ASN A 537 14.21 -32.11 -4.65
CA ASN A 537 15.22 -31.67 -5.64
C ASN A 537 14.84 -30.42 -6.48
N ALA A 538 13.68 -29.82 -6.19
CA ALA A 538 13.16 -28.64 -6.88
C ALA A 538 14.18 -27.53 -6.98
N THR A 539 14.17 -26.82 -8.10
CA THR A 539 14.96 -25.61 -8.24
C THR A 539 14.04 -24.52 -8.78
N ASP A 540 14.56 -23.29 -8.89
CA ASP A 540 13.77 -22.17 -9.41
C ASP A 540 13.43 -22.49 -10.88
N ASN A 541 14.35 -23.22 -11.56
CA ASN A 541 14.14 -23.68 -12.94
C ASN A 541 13.03 -24.75 -13.11
N THR A 542 12.96 -25.74 -12.23
CA THR A 542 11.86 -26.69 -12.24
C THR A 542 10.56 -26.01 -11.83
N LEU A 543 10.65 -25.02 -10.92
CA LEU A 543 9.49 -24.21 -10.56
C LEU A 543 8.89 -23.49 -11.77
N ILE A 544 9.68 -22.75 -12.53
CA ILE A 544 9.07 -22.00 -13.60
C ILE A 544 8.59 -22.92 -14.75
N THR A 545 9.33 -23.99 -14.99
CA THR A 545 8.89 -25.07 -15.91
C THR A 545 7.49 -25.56 -15.54
N LYS A 546 7.27 -25.79 -14.25
CA LYS A 546 5.97 -26.28 -13.76
C LYS A 546 4.83 -25.24 -13.91
N LEU A 547 5.14 -23.98 -13.63
CA LEU A 547 4.20 -22.88 -13.87
C LEU A 547 3.87 -22.83 -15.34
N HIS A 548 4.88 -22.91 -16.20
CA HIS A 548 4.65 -22.86 -17.66
C HIS A 548 3.80 -24.03 -18.12
N SER A 549 4.07 -25.21 -17.58
CA SER A 549 3.36 -26.43 -17.97
C SER A 549 1.88 -26.36 -17.62
N HIS A 550 1.56 -25.84 -16.44
CA HIS A 550 0.17 -25.60 -16.02
C HIS A 550 -0.61 -24.45 -16.65
N PHE A 551 0.05 -23.36 -17.04
CA PHE A 551 -0.66 -22.11 -17.40
C PHE A 551 -0.39 -21.58 -18.81
N SER A 552 0.75 -21.94 -19.39
CA SER A 552 1.12 -21.41 -20.71
C SER A 552 0.09 -21.93 -21.73
N LYS A 553 -0.55 -21.00 -22.43
CA LYS A 553 -1.60 -21.25 -23.43
C LYS A 553 -2.83 -21.96 -22.86
N LYS A 554 -2.94 -21.99 -21.54
CA LYS A 554 -4.09 -22.54 -20.88
C LYS A 554 -4.82 -21.45 -20.11
N ASN A 555 -4.09 -20.50 -19.51
CA ASN A 555 -4.74 -19.46 -18.71
C ASN A 555 -4.61 -18.11 -19.37
N ALA A 556 -5.74 -17.45 -19.66
CA ALA A 556 -5.74 -16.17 -20.37
C ALA A 556 -5.03 -15.01 -19.64
N LYS A 557 -4.87 -15.08 -18.32
CA LYS A 557 -4.13 -14.04 -17.56
C LYS A 557 -2.62 -14.34 -17.37
N TYR A 558 -2.14 -15.48 -17.90
CA TYR A 558 -0.75 -15.93 -17.78
C TYR A 558 -0.03 -15.86 -19.12
N GLU A 559 1.23 -15.41 -19.12
CA GLU A 559 2.02 -15.47 -20.33
C GLU A 559 3.42 -16.09 -20.05
N GLU A 560 3.81 -17.07 -20.88
CA GLU A 560 5.21 -17.54 -20.90
C GLU A 560 5.89 -16.69 -21.95
N PRO A 561 6.86 -15.85 -21.53
CA PRO A 561 7.43 -14.95 -22.52
C PRO A 561 8.41 -15.72 -23.44
N ARG A 562 8.60 -15.20 -24.63
CA ARG A 562 9.53 -15.82 -25.56
C ARG A 562 10.96 -15.29 -25.38
N PHE A 563 11.12 -14.13 -24.73
CA PHE A 563 12.39 -13.44 -24.59
C PHE A 563 13.12 -13.88 -23.30
N SER A 564 12.55 -14.77 -22.54
CA SER A 564 13.17 -15.10 -21.28
C SER A 564 12.75 -16.45 -20.87
N LYS A 565 13.66 -17.18 -20.23
CA LYS A 565 13.33 -18.46 -19.66
C LYS A 565 13.13 -18.37 -18.14
N THR A 566 13.37 -17.20 -17.53
CA THR A 566 13.26 -17.11 -16.07
C THR A 566 12.08 -16.20 -15.55
N GLU A 567 11.22 -15.75 -16.47
CA GLU A 567 10.08 -14.85 -16.15
C GLU A 567 8.73 -15.40 -16.58
N PHE A 568 7.69 -15.08 -15.82
CA PHE A 568 6.30 -15.30 -16.27
C PHE A 568 5.50 -14.01 -16.07
N GLY A 569 4.46 -13.87 -16.90
CA GLY A 569 3.65 -12.64 -16.95
C GLY A 569 2.32 -12.86 -16.26
N VAL A 570 1.90 -11.92 -15.40
CA VAL A 570 0.53 -11.98 -14.89
C VAL A 570 -0.16 -10.72 -15.33
N THR A 571 -1.37 -10.87 -15.89
CA THR A 571 -2.16 -9.73 -16.32
C THR A 571 -3.04 -9.34 -15.11
N HIS A 572 -2.64 -8.27 -14.40
CA HIS A 572 -3.39 -7.77 -13.23
C HIS A 572 -4.39 -6.75 -13.73
N TYR A 573 -5.33 -6.38 -12.88
CA TYR A 573 -6.27 -5.31 -13.20
C TYR A 573 -5.49 -4.05 -13.61
N ALA A 574 -4.35 -3.80 -12.94
CA ALA A 574 -3.58 -2.57 -13.20
C ALA A 574 -2.49 -2.65 -14.31
N GLY A 575 -2.37 -3.80 -14.96
CA GLY A 575 -1.41 -3.96 -16.05
C GLY A 575 -0.68 -5.32 -15.95
N GLN A 576 -0.11 -5.77 -17.07
CA GLN A 576 0.68 -6.99 -17.02
C GLN A 576 1.98 -6.76 -16.21
N VAL A 577 2.41 -7.77 -15.44
CA VAL A 577 3.68 -7.71 -14.73
C VAL A 577 4.44 -8.99 -15.03
N MET A 578 5.72 -8.81 -15.39
CA MET A 578 6.62 -9.92 -15.62
C MET A 578 7.38 -10.16 -14.30
N TYR A 579 7.33 -11.40 -13.83
CA TYR A 579 7.94 -11.83 -12.58
C TYR A 579 9.16 -12.73 -12.83
N GLU A 580 10.30 -12.33 -12.25
CA GLU A 580 11.57 -13.09 -12.28
C GLU A 580 11.51 -14.16 -11.19
N ILE A 581 11.76 -15.40 -11.61
CA ILE A 581 11.64 -16.55 -10.70
C ILE A 581 12.83 -16.80 -9.73
N GLN A 582 13.93 -16.08 -9.94
CA GLN A 582 15.16 -16.30 -9.16
C GLN A 582 14.85 -16.09 -7.67
N ASP A 583 15.25 -17.09 -6.87
CA ASP A 583 15.18 -17.16 -5.40
C ASP A 583 13.79 -17.42 -4.84
N TRP A 584 12.79 -17.73 -5.66
CA TRP A 584 11.43 -17.91 -5.12
C TRP A 584 11.36 -19.08 -4.11
N LEU A 585 12.02 -20.20 -4.41
CA LEU A 585 11.96 -21.32 -3.44
C LEU A 585 12.63 -20.93 -2.13
N GLU A 586 13.82 -20.31 -2.17
CA GLU A 586 14.47 -19.88 -0.92
CA GLU A 586 14.54 -19.77 -0.98
C GLU A 586 13.63 -18.83 -0.19
N LYS A 587 13.07 -17.85 -0.91
CA LYS A 587 12.14 -16.82 -0.32
C LYS A 587 10.91 -17.43 0.33
N ASN A 588 10.33 -18.43 -0.31
CA ASN A 588 9.15 -19.06 0.24
C ASN A 588 9.44 -19.96 1.45
N LYS A 589 10.55 -20.69 1.40
CA LYS A 589 10.92 -21.54 2.50
C LYS A 589 11.43 -20.66 3.68
N ASP A 590 12.02 -19.50 3.37
CA ASP A 590 12.55 -18.58 4.38
C ASP A 590 13.34 -19.34 5.46
N PRO A 591 14.42 -20.06 5.07
CA PRO A 591 15.17 -20.83 6.10
C PRO A 591 16.07 -19.95 6.97
N LEU A 592 16.29 -20.42 8.20
CA LEU A 592 17.36 -19.87 9.05
C LEU A 592 18.04 -21.02 9.82
N GLN A 593 19.37 -21.08 9.82
CA GLN A 593 20.08 -22.17 10.52
C GLN A 593 19.75 -22.09 11.99
N GLN A 594 19.27 -23.19 12.55
CA GLN A 594 19.06 -23.32 14.00
C GLN A 594 20.29 -22.92 14.84
N ASP A 595 21.51 -23.15 14.37
CA ASP A 595 22.73 -22.79 15.17
C ASP A 595 22.84 -21.26 15.35
N LEU A 596 22.31 -20.51 14.37
CA LEU A 596 22.24 -19.04 14.44
C LEU A 596 21.24 -18.65 15.50
N GLU A 597 20.13 -19.34 15.57
CA GLU A 597 19.17 -19.04 16.60
C GLU A 597 19.67 -19.39 17.98
N LEU A 598 20.36 -20.53 18.09
CA LEU A 598 21.05 -20.90 19.34
C LEU A 598 22.04 -19.79 19.76
N CYS A 599 22.83 -19.26 18.82
CA CYS A 599 23.78 -18.23 19.13
C CYS A 599 23.06 -16.99 19.75
N PHE A 600 21.99 -16.55 19.10
CA PHE A 600 21.33 -15.35 19.49
C PHE A 600 20.44 -15.56 20.70
N LYS A 601 20.01 -16.80 20.98
CA LYS A 601 19.26 -17.05 22.21
C LYS A 601 20.08 -16.79 23.45
N ASP A 602 21.41 -16.90 23.35
CA ASP A 602 22.33 -16.59 24.46
C ASP A 602 22.79 -15.14 24.52
N SER A 603 22.12 -14.22 23.82
CA SER A 603 22.53 -12.80 23.80
C SER A 603 22.42 -12.26 25.21
N SER A 604 23.32 -11.36 25.56
CA SER A 604 23.22 -10.62 26.84
C SER A 604 22.28 -9.42 26.75
N ASP A 605 21.70 -9.20 25.56
CA ASP A 605 20.79 -8.08 25.38
C ASP A 605 19.35 -8.51 25.62
N ASN A 606 18.61 -7.70 26.39
CA ASN A 606 17.24 -8.02 26.77
C ASN A 606 16.29 -7.94 25.60
N VAL A 607 16.55 -7.08 24.61
CA VAL A 607 15.67 -7.04 23.44
C VAL A 607 15.99 -8.21 22.50
N VAL A 608 17.28 -8.39 22.15
CA VAL A 608 17.72 -9.48 21.31
C VAL A 608 17.21 -10.84 21.80
N THR A 609 17.36 -11.08 23.12
CA THR A 609 16.86 -12.30 23.74
CA THR A 609 16.86 -12.28 23.79
C THR A 609 15.35 -12.53 23.54
N LYS A 610 14.52 -11.50 23.63
CA LYS A 610 13.09 -11.65 23.34
C LYS A 610 12.85 -12.02 21.86
N LEU A 611 13.64 -11.42 20.95
CA LEU A 611 13.47 -11.68 19.51
C LEU A 611 13.65 -13.17 19.20
N PHE A 612 14.43 -13.85 20.04
CA PHE A 612 14.79 -15.21 19.81
C PHE A 612 14.10 -16.24 20.73
N ASN A 613 13.62 -15.78 21.90
CA ASN A 613 13.01 -16.65 22.93
C ASN A 613 11.51 -16.51 23.05
N ASP A 614 10.95 -15.41 22.57
CA ASP A 614 9.52 -15.23 22.71
C ASP A 614 8.84 -15.92 21.52
N PRO A 615 8.09 -17.03 21.76
CA PRO A 615 7.58 -17.79 20.63
C PRO A 615 6.60 -17.00 19.74
N ASN A 616 5.98 -15.97 20.27
CA ASN A 616 5.10 -15.17 19.44
C ASN A 616 5.83 -14.33 18.44
N ILE A 617 7.09 -14.03 18.74
CA ILE A 617 7.97 -13.36 17.79
C ILE A 617 8.84 -14.37 17.05
N ALA A 618 9.36 -15.35 17.78
CA ALA A 618 10.43 -16.22 17.30
C ALA A 618 9.96 -17.53 16.65
N SER A 619 8.89 -18.12 17.19
CA SER A 619 8.48 -19.44 16.77
C SER A 619 7.80 -19.37 15.41
N ARG A 620 8.01 -20.41 14.61
CA ARG A 620 7.29 -20.55 13.34
C ARG A 620 6.31 -21.71 13.39
N ALA A 621 5.10 -21.48 12.90
CA ALA A 621 4.05 -22.51 12.82
C ALA A 621 4.48 -23.71 11.96
N LYS A 622 3.87 -24.88 12.21
CA LYS A 622 4.11 -26.09 11.40
C LYS A 622 2.94 -26.49 10.50
N LYS A 623 3.24 -26.74 9.21
CA LYS A 623 2.36 -27.53 8.34
C LYS A 623 2.91 -28.97 8.34
N GLY A 624 2.30 -29.84 9.14
CA GLY A 624 2.80 -31.21 9.29
C GLY A 624 4.31 -31.30 9.48
N ALA A 625 5.02 -31.76 8.45
CA ALA A 625 6.47 -32.04 8.58
C ALA A 625 7.35 -30.81 8.37
N ASN A 626 6.77 -29.72 7.84
CA ASN A 626 7.51 -28.50 7.45
C ASN A 626 6.96 -27.25 8.14
N PHE A 627 7.84 -26.28 8.36
CA PHE A 627 7.43 -24.91 8.74
C PHE A 627 6.54 -24.25 7.67
N ILE A 628 5.49 -23.57 8.13
CA ILE A 628 4.64 -22.72 7.25
C ILE A 628 5.43 -21.85 6.25
N THR A 629 5.13 -21.96 4.97
CA THR A 629 5.87 -21.17 3.97
C THR A 629 5.41 -19.72 4.02
N VAL A 630 6.17 -18.82 3.40
CA VAL A 630 5.81 -17.40 3.35
C VAL A 630 4.51 -17.23 2.57
N ALA A 631 4.34 -17.94 1.45
CA ALA A 631 3.07 -17.95 0.71
C ALA A 631 1.91 -18.32 1.60
N ALA A 632 2.07 -19.33 2.46
CA ALA A 632 1.01 -19.76 3.37
C ALA A 632 0.76 -18.74 4.47
N GLN A 633 1.83 -18.15 5.01
CA GLN A 633 1.71 -17.03 5.92
C GLN A 633 0.97 -15.87 5.26
N TYR A 634 1.39 -15.48 4.04
CA TYR A 634 0.72 -14.43 3.28
C TYR A 634 -0.80 -14.72 3.16
N LYS A 635 -1.12 -15.92 2.72
CA LYS A 635 -2.56 -16.28 2.56
C LYS A 635 -3.34 -16.23 3.83
N GLU A 636 -2.78 -16.68 4.98
CA GLU A 636 -3.50 -16.55 6.24
C GLU A 636 -3.75 -15.08 6.56
N GLN A 637 -2.73 -14.23 6.41
CA GLN A 637 -2.92 -12.78 6.68
C GLN A 637 -3.99 -12.20 5.80
N LEU A 638 -3.93 -12.50 4.51
CA LEU A 638 -4.90 -11.98 3.58
C LEU A 638 -6.32 -12.45 3.95
N ALA A 639 -6.47 -13.76 4.25
CA ALA A 639 -7.78 -14.31 4.62
C ALA A 639 -8.28 -13.67 5.91
N SER A 640 -7.40 -13.47 6.89
CA SER A 640 -7.82 -12.78 8.11
C SER A 640 -8.29 -11.32 7.83
N LEU A 641 -7.55 -10.60 6.96
CA LEU A 641 -7.95 -9.25 6.61
C LEU A 641 -9.35 -9.23 5.96
N MET A 642 -9.54 -10.05 4.93
CA MET A 642 -10.80 -10.09 4.21
C MET A 642 -11.98 -10.47 5.16
N ALA A 643 -11.72 -11.33 6.13
CA ALA A 643 -12.73 -11.71 7.13
C ALA A 643 -13.11 -10.53 8.02
N THR A 644 -12.12 -9.78 8.51
CA THR A 644 -12.37 -8.55 9.24
C THR A 644 -13.17 -7.49 8.46
N LEU A 645 -12.86 -7.31 7.18
CA LEU A 645 -13.55 -6.34 6.38
C LEU A 645 -15.05 -6.69 6.20
N GLU A 646 -15.34 -7.97 6.15
CA GLU A 646 -16.72 -8.45 5.99
C GLU A 646 -17.55 -8.13 7.25
N THR A 647 -16.89 -7.98 8.38
CA THR A 647 -17.59 -7.53 9.57
C THR A 647 -17.84 -6.01 9.60
N THR A 648 -17.47 -5.28 8.54
CA THR A 648 -17.50 -3.81 8.59
C THR A 648 -18.34 -3.23 7.47
N ASN A 649 -18.81 -1.99 7.67
CA ASN A 649 -19.37 -1.27 6.55
C ASN A 649 -18.25 -0.44 5.87
N PRO A 650 -17.91 -0.76 4.59
CA PRO A 650 -16.74 -0.09 3.96
C PRO A 650 -17.01 1.28 3.35
N HIS A 651 -16.00 2.14 3.40
CA HIS A 651 -15.97 3.40 2.66
C HIS A 651 -14.67 3.44 1.82
N PHE A 652 -14.78 3.72 0.52
CA PHE A 652 -13.63 3.64 -0.38
C PHE A 652 -13.08 5.00 -0.71
N VAL A 653 -11.75 5.11 -0.66
CA VAL A 653 -11.06 6.30 -1.11
C VAL A 653 -10.06 5.81 -2.18
N ARG A 654 -10.12 6.43 -3.37
CA ARG A 654 -9.31 5.98 -4.49
C ARG A 654 -8.24 7.04 -4.70
N CYS A 655 -7.04 6.69 -4.28
CA CYS A 655 -5.90 7.61 -4.45
C CYS A 655 -5.35 7.45 -5.83
N ILE A 656 -5.05 8.58 -6.45
CA ILE A 656 -4.69 8.64 -7.82
C ILE A 656 -3.35 9.40 -7.94
N ILE A 657 -2.36 8.72 -8.49
CA ILE A 657 -1.10 9.36 -8.74
C ILE A 657 -1.19 10.16 -10.11
N PRO A 658 -0.71 11.43 -10.13
CA PRO A 658 -0.80 12.29 -11.37
C PRO A 658 0.20 11.99 -12.50
N ASN A 659 1.35 11.40 -12.14
CA ASN A 659 2.46 11.17 -13.02
C ASN A 659 3.37 10.15 -12.34
N ASN A 660 4.42 9.73 -13.03
CA ASN A 660 5.36 8.76 -12.44
CA ASN A 660 5.39 8.76 -12.52
C ASN A 660 6.71 9.41 -12.11
N LYS A 661 6.69 10.69 -11.73
CA LYS A 661 7.88 11.46 -11.49
C LYS A 661 7.86 12.11 -10.13
N GLN A 662 6.79 11.88 -9.36
CA GLN A 662 6.70 12.49 -8.04
C GLN A 662 6.82 14.04 -8.02
N LEU A 663 6.21 14.66 -9.04
CA LEU A 663 6.18 16.12 -9.21
C LEU A 663 4.77 16.71 -9.08
N PRO A 664 4.67 17.90 -8.45
CA PRO A 664 3.45 18.69 -8.40
C PRO A 664 3.11 19.28 -9.77
N ALA A 665 1.88 19.79 -9.90
CA ALA A 665 1.44 20.53 -11.09
C ALA A 665 1.78 19.87 -12.40
N LYS A 666 1.69 18.54 -12.45
CA LYS A 666 2.00 17.80 -13.67
C LYS A 666 1.12 16.54 -13.83
N LEU A 667 -0.15 16.77 -14.10
CA LEU A 667 -1.13 15.72 -14.37
C LEU A 667 -0.88 15.14 -15.74
N GLU A 668 -0.58 13.82 -15.83
CA GLU A 668 -0.32 13.16 -17.10
C GLU A 668 -1.47 12.27 -17.49
N ASP A 669 -1.94 12.47 -18.73
CA ASP A 669 -3.25 12.01 -19.22
C ASP A 669 -3.39 10.53 -19.13
N LYS A 670 -2.39 9.88 -19.71
CA LYS A 670 -2.36 8.43 -19.82
C LYS A 670 -2.17 7.75 -18.46
N VAL A 671 -1.28 8.31 -17.66
CA VAL A 671 -1.09 7.84 -16.25
C VAL A 671 -2.42 7.83 -15.50
N VAL A 672 -3.09 8.96 -15.54
CA VAL A 672 -4.30 9.13 -14.73
C VAL A 672 -5.45 8.29 -15.27
N LEU A 673 -5.69 8.39 -16.57
CA LEU A 673 -6.77 7.62 -17.21
C LEU A 673 -6.64 6.10 -17.05
N ASP A 674 -5.41 5.56 -17.08
CA ASP A 674 -5.20 4.10 -16.80
C ASP A 674 -5.77 3.73 -15.41
N GLN A 675 -5.51 4.61 -14.43
CA GLN A 675 -6.00 4.39 -13.05
C GLN A 675 -7.50 4.50 -12.95
N LEU A 676 -8.07 5.52 -13.57
CA LEU A 676 -9.54 5.70 -13.56
C LEU A 676 -10.21 4.53 -14.20
N ARG A 677 -9.68 4.05 -15.33
CA ARG A 677 -10.12 2.76 -15.89
C ARG A 677 -10.04 1.56 -14.97
N CYS A 678 -8.82 1.17 -14.59
CA CYS A 678 -8.70 -0.08 -13.84
C CYS A 678 -9.29 -0.03 -12.44
N ASN A 679 -9.38 1.20 -11.89
CA ASN A 679 -10.07 1.41 -10.60
C ASN A 679 -11.60 1.23 -10.71
N GLY A 680 -12.13 1.25 -11.93
CA GLY A 680 -13.62 1.20 -12.05
C GLY A 680 -14.34 2.49 -11.63
N VAL A 681 -13.69 3.63 -11.78
CA VAL A 681 -14.30 4.90 -11.31
C VAL A 681 -15.60 5.27 -12.06
N LEU A 682 -15.56 5.20 -13.40
CA LEU A 682 -16.73 5.53 -14.24
C LEU A 682 -17.87 4.56 -14.05
N GLU A 683 -17.55 3.26 -14.02
CA GLU A 683 -18.54 2.22 -13.64
C GLU A 683 -19.20 2.51 -12.29
N GLY A 684 -18.41 2.91 -11.31
CA GLY A 684 -18.88 3.22 -9.97
C GLY A 684 -19.78 4.44 -10.00
N ILE A 685 -19.45 5.43 -10.83
CA ILE A 685 -20.37 6.57 -11.00
C ILE A 685 -21.70 6.10 -11.67
N ARG A 686 -21.60 5.33 -12.74
CA ARG A 686 -22.81 4.81 -13.40
C ARG A 686 -23.71 4.00 -12.50
N ILE A 687 -23.19 3.09 -11.68
CA ILE A 687 -24.10 2.36 -10.79
C ILE A 687 -24.84 3.31 -9.83
N THR A 688 -24.14 4.33 -9.33
CA THR A 688 -24.69 5.32 -8.44
C THR A 688 -25.92 6.02 -9.08
N ARG A 689 -25.79 6.40 -10.35
CA ARG A 689 -26.82 7.05 -11.15
C ARG A 689 -28.00 6.12 -11.49
N LYS A 690 -27.70 4.93 -12.03
CA LYS A 690 -28.72 4.02 -12.53
C LYS A 690 -29.41 3.17 -11.44
N GLY A 691 -28.77 3.05 -10.29
CA GLY A 691 -29.30 2.20 -9.24
C GLY A 691 -30.16 2.89 -8.19
N PHE A 692 -30.27 2.23 -7.04
CA PHE A 692 -31.17 2.56 -5.92
C PHE A 692 -30.36 2.31 -4.66
N PRO A 693 -29.54 3.31 -4.26
CA PRO A 693 -28.65 3.18 -3.09
C PRO A 693 -29.29 2.85 -1.73
N ASN A 694 -30.57 3.19 -1.53
CA ASN A 694 -31.21 3.12 -0.20
C ASN A 694 -32.43 2.22 -0.12
N ARG A 695 -32.50 1.39 0.92
CA ARG A 695 -33.63 0.45 1.12
C ARG A 695 -33.96 0.10 2.58
N ILE A 696 -35.25 0.24 2.91
CA ILE A 696 -35.78 -0.08 4.25
C ILE A 696 -36.95 -1.08 4.14
N ILE A 697 -36.98 -2.04 5.07
CA ILE A 697 -38.04 -3.04 5.13
C ILE A 697 -39.37 -2.30 5.36
N TYR A 698 -40.42 -2.73 4.64
CA TYR A 698 -41.74 -2.09 4.70
C TYR A 698 -42.25 -2.00 6.16
N PHE A 701 -40.54 0.52 7.95
CA PHE A 701 -40.34 1.86 7.37
C PHE A 701 -41.31 2.85 8.00
N VAL A 702 -42.28 2.35 8.76
CA VAL A 702 -43.23 3.17 9.51
C VAL A 702 -43.17 2.91 11.02
N GLN A 736 -38.09 6.98 -9.70
CA GLN A 736 -37.33 7.29 -8.50
C GLN A 736 -37.76 6.46 -7.28
N TYR A 737 -38.50 5.37 -7.52
CA TYR A 737 -38.98 4.51 -6.43
C TYR A 737 -39.08 3.07 -6.93
N ARG A 738 -38.91 2.11 -6.03
CA ARG A 738 -39.13 0.70 -6.36
C ARG A 738 -39.71 -0.08 -5.16
N PHE A 739 -40.71 -0.92 -5.46
CA PHE A 739 -41.31 -1.78 -4.46
C PHE A 739 -40.77 -3.21 -4.62
N GLY A 740 -39.87 -3.60 -3.71
CA GLY A 740 -39.31 -4.96 -3.72
C GLY A 740 -40.10 -5.91 -2.83
N ILE A 741 -39.66 -7.16 -2.76
CA ILE A 741 -40.35 -8.20 -1.98
C ILE A 741 -40.57 -7.82 -0.49
N THR A 742 -39.54 -7.27 0.15
CA THR A 742 -39.60 -6.88 1.57
C THR A 742 -39.21 -5.42 1.83
N LYS A 743 -38.89 -4.66 0.77
CA LYS A 743 -38.25 -3.36 0.98
C LYS A 743 -38.69 -2.28 -0.01
N ILE A 744 -38.76 -1.04 0.46
CA ILE A 744 -38.83 0.10 -0.44
C ILE A 744 -37.38 0.43 -0.82
N PHE A 745 -37.17 0.76 -2.11
CA PHE A 745 -35.85 1.13 -2.72
C PHE A 745 -35.99 2.47 -3.43
N PHE A 746 -35.09 3.43 -3.13
CA PHE A 746 -35.09 4.75 -3.79
C PHE A 746 -33.75 5.19 -4.47
N ARG A 747 -33.87 5.96 -5.56
CA ARG A 747 -32.73 6.63 -6.20
C ARG A 747 -32.07 7.65 -5.26
#